data_9BIP
#
_entry.id   9BIP
#
_cell.length_a   1.00
_cell.length_b   1.00
_cell.length_c   1.00
_cell.angle_alpha   90.00
_cell.angle_beta   90.00
_cell.angle_gamma   90.00
#
_symmetry.space_group_name_H-M   'P 1'
#
loop_
_entity.id
_entity.type
_entity.pdbx_description
1 polymer miniGs
2 polymer 'Guanine nucleotide-binding protein G(I)/G(S)/G(T) subunit beta-1'
3 polymer 'Guanine nucleotide-binding protein G(I)/G(S)/G(O) subunit gamma-2'
4 polymer Nb35
5 polymer 'G-protein coupled receptor 4'
#
loop_
_entity_poly.entity_id
_entity_poly.type
_entity_poly.pdbx_seq_one_letter_code
_entity_poly.pdbx_strand_id
1 'polypeptide(L)'
;GGSLEVLFQGPSGNSKTEDQRNEEKAQREANKKIEKQLQKDKQVYRATHRLLLLGADNSGKSTIVKQMRILHGGSGGSGG
TSGIFETKFQVDKVNFHMFDVGGQRDERRKWIQCFNDVTAIIFVVDSSDYNRLQEALNLFKSIWNNRWLRTISVILFLNK
QDLLAEKVLAGKSKIEDYFPEFARYTTPEDATPEPGEDPRVTRAKYFIRDEFLRISTASGDGRHYCYPHFTCAVDTENAR
RIFNDCRDIIQRMHLRQYELL
;
A
2 'polypeptide(L)'
;MHHHHHHLEVLFQGPEDQVDPRLIDGKGSSGSELDQLRQEAEQLKNQIRDARKACADATLSQITNNIDPVGRIQMRTRRT
LRGHLAKIYAMHWGTDSRLLVSASQDGKLIIWDSYTTNKVHAIPLRSSWVMTCAYAPSGNYVACGGLDNICSIYNLKTRE
GNVRVSRELAGHTGYLSCCRFLDDNQIVTSSGDTTCALWDIETGQQTTTFTGHTGDVMSLSLAPDTRLFVSGACDASAKL
WDVREGMCRQTFTGHESDINAICFFPNGNAFATGSDDATCRLFDLRADQELMTYSHDNIICGITSVSFSKSGRLLLAGYD
DFNCNVWDALKADRAGVLAGHDNRVSCLGVTDDGMAVATGSWDSFLKIWN
;
B
3 'polypeptide(L)' MASNNTASIAQARKLVEQLKMEANIDRIKVSKAAADLMAYCEAHAKEDPLLTPVPASENPFREKKFFC G
4 'polypeptide(L)'
;QVQLQESGGGLVQPGGSLRLSCAASGFTFSNYKMNWVRQAPGKGLEWVSDISQSGASISYTGSVKGRFTISRDNAKNTLY
LQMNSLKPEDTAVYYCARCPAPFTRDCFDVTSTTYAYRGQGTQVTVSSGSEDQVDPRLIDGK
;
N
5 'polypeptide(L)'
;DYKDDDDASIDMGNHTWEGCHVDSRVDHLFPPSLYIFVIGVGLPTNCLALWAAYRQVQQRNELGVYLMNLSIADLLYICT
LPLWVDYFLHHDNWIHGPGSCKLFGFIFYTNIYISIAFLCCISVDRYLAVAHPLRFARLRRVKTAVAVSSVVWATELGAN
SAPLFHDELFRDRYNHTFCFEKFPMEGWVAWMNLYRVFVGFLFPWALMLLSYRGILRAVRGSVSTERQEKAKIKRLALSL
IAIVLVCFAPYHVLLLSRSAIYLGRPWDCGFEERVFSAYHSSLAFTSLNCVADPILYCLVNEGARSDVAKALHNLLRFLA
SDKPQEMANASLTLETPLTSKRNSTAKAMTGSWAATPPSQGDQVQLKMLPPAQ
;
R
#
# COMPACT_ATOMS: atom_id res chain seq x y z
N THR A 17 21.34 -11.61 -40.15
CA THR A 17 22.45 -11.12 -39.29
C THR A 17 22.18 -9.69 -38.84
N GLU A 18 21.51 -8.90 -39.69
CA GLU A 18 21.22 -7.53 -39.34
C GLU A 18 20.32 -7.43 -38.11
N ASP A 19 19.46 -8.44 -37.89
CA ASP A 19 18.60 -8.42 -36.73
C ASP A 19 19.42 -8.43 -35.43
N GLN A 20 20.47 -9.24 -35.38
CA GLN A 20 21.31 -9.28 -34.19
C GLN A 20 22.00 -7.94 -33.96
N ARG A 21 22.50 -7.32 -35.03
CA ARG A 21 23.14 -6.01 -34.89
C ARG A 21 22.15 -4.98 -34.37
N ASN A 22 20.93 -4.97 -34.92
CA ASN A 22 19.93 -4.01 -34.47
C ASN A 22 19.55 -4.25 -33.01
N GLU A 23 19.41 -5.52 -32.61
CA GLU A 23 19.07 -5.80 -31.22
C GLU A 23 20.19 -5.34 -30.29
N GLU A 24 21.46 -5.56 -30.68
CA GLU A 24 22.57 -5.10 -29.86
C GLU A 24 22.57 -3.59 -29.73
N LYS A 25 22.38 -2.88 -30.85
CA LYS A 25 22.35 -1.42 -30.81
C LYS A 25 21.23 -0.92 -29.90
N ALA A 26 20.02 -1.43 -30.10
CA ALA A 26 18.89 -0.99 -29.29
C ALA A 26 19.16 -1.24 -27.81
N GLN A 27 19.49 -2.49 -27.46
CA GLN A 27 19.80 -2.80 -26.07
C GLN A 27 20.79 -1.79 -25.51
N ARG A 28 21.99 -1.76 -26.08
CA ARG A 28 23.06 -0.95 -25.50
C ARG A 28 22.58 0.49 -25.36
N GLU A 29 22.34 1.17 -26.48
CA GLU A 29 22.06 2.60 -26.41
C GLU A 29 20.85 2.87 -25.51
N ALA A 30 19.69 2.38 -25.91
CA ALA A 30 18.46 2.78 -25.25
C ALA A 30 18.48 2.39 -23.78
N ASN A 31 18.74 1.11 -23.48
CA ASN A 31 18.62 0.67 -22.10
C ASN A 31 19.65 1.35 -21.22
N LYS A 32 20.91 1.44 -21.66
CA LYS A 32 21.93 2.05 -20.81
C LYS A 32 21.58 3.52 -20.51
N LYS A 33 21.24 4.29 -21.56
CA LYS A 33 20.93 5.70 -21.34
C LYS A 33 19.73 5.87 -20.43
N ILE A 34 18.67 5.09 -20.68
CA ILE A 34 17.45 5.21 -19.88
C ILE A 34 17.72 4.84 -18.43
N GLU A 35 18.51 3.79 -18.20
CA GLU A 35 18.81 3.38 -16.83
C GLU A 35 19.61 4.45 -16.09
N LYS A 36 20.57 5.08 -16.78
CA LYS A 36 21.33 6.14 -16.14
C LYS A 36 20.41 7.29 -15.74
N GLN A 37 19.53 7.69 -16.66
CA GLN A 37 18.60 8.78 -16.35
C GLN A 37 17.66 8.39 -15.20
N LEU A 38 17.21 7.14 -15.18
CA LEU A 38 16.31 6.68 -14.12
C LEU A 38 17.00 6.70 -12.77
N GLN A 39 18.27 6.28 -12.71
CA GLN A 39 19.00 6.36 -11.45
C GLN A 39 19.15 7.80 -10.99
N LYS A 40 19.46 8.71 -11.92
CA LYS A 40 19.56 10.12 -11.55
C LYS A 40 18.24 10.64 -11.01
N ASP A 41 17.12 10.25 -11.62
CA ASP A 41 15.81 10.68 -11.15
C ASP A 41 15.50 10.11 -9.77
N LYS A 42 15.85 8.84 -9.54
CA LYS A 42 15.57 8.20 -8.26
C LYS A 42 16.33 8.89 -7.14
N GLN A 43 17.59 9.29 -7.40
CA GLN A 43 18.36 10.00 -6.40
C GLN A 43 17.58 11.21 -5.86
N VAL A 44 17.02 12.01 -6.77
CA VAL A 44 16.27 13.20 -6.35
C VAL A 44 14.95 12.79 -5.70
N TYR A 45 14.28 11.77 -6.25
CA TYR A 45 12.96 11.41 -5.74
C TYR A 45 13.02 10.97 -4.28
N ARG A 46 14.03 10.17 -3.92
CA ARG A 46 14.07 9.64 -2.56
C ARG A 46 14.42 10.69 -1.51
N ALA A 47 14.78 11.91 -1.91
CA ALA A 47 15.26 12.92 -0.99
C ALA A 47 14.22 13.98 -0.66
N THR A 48 12.94 13.74 -0.97
CA THR A 48 11.89 14.71 -0.71
C THR A 48 10.70 14.01 -0.04
N HIS A 49 10.02 14.76 0.82
CA HIS A 49 8.89 14.27 1.58
C HIS A 49 7.64 15.04 1.18
N ARG A 50 6.54 14.31 0.92
CA ARG A 50 5.31 14.90 0.41
C ARG A 50 4.19 14.78 1.43
N LEU A 51 3.39 15.83 1.54
CA LEU A 51 2.36 15.95 2.56
C LEU A 51 1.04 16.37 1.93
N LEU A 52 -0.06 15.95 2.55
CA LEU A 52 -1.41 16.27 2.07
C LEU A 52 -2.09 17.21 3.05
N LEU A 53 -2.68 18.28 2.52
CA LEU A 53 -3.34 19.30 3.32
C LEU A 53 -4.86 19.12 3.22
N LEU A 54 -5.51 19.01 4.39
CA LEU A 54 -6.96 18.86 4.46
C LEU A 54 -7.53 19.93 5.37
N GLY A 55 -8.81 20.20 5.18
CA GLY A 55 -9.48 21.25 5.94
C GLY A 55 -10.83 21.56 5.34
N ALA A 56 -11.46 22.59 5.91
CA ALA A 56 -12.78 23.03 5.50
C ALA A 56 -12.71 24.47 4.98
N ASP A 57 -13.85 24.96 4.50
CA ASP A 57 -13.88 26.29 3.89
C ASP A 57 -13.58 27.39 4.90
N ASN A 58 -14.08 27.24 6.13
CA ASN A 58 -13.91 28.27 7.14
C ASN A 58 -12.57 28.18 7.87
N SER A 59 -11.81 27.11 7.66
CA SER A 59 -10.49 26.99 8.27
C SER A 59 -9.51 27.91 7.56
N GLY A 60 -8.25 27.85 7.98
CA GLY A 60 -7.22 28.70 7.41
C GLY A 60 -6.02 27.94 6.87
N LYS A 61 -6.25 26.79 6.23
CA LYS A 61 -5.15 26.00 5.72
C LYS A 61 -4.38 26.76 4.64
N SER A 62 -5.09 27.42 3.72
CA SER A 62 -4.42 28.23 2.72
C SER A 62 -3.59 29.32 3.36
N THR A 63 -4.04 29.85 4.49
CA THR A 63 -3.27 30.89 5.19
C THR A 63 -1.93 30.35 5.64
N ILE A 64 -1.91 29.15 6.23
CA ILE A 64 -0.64 28.56 6.65
C ILE A 64 0.25 28.26 5.46
N VAL A 65 -0.35 27.73 4.38
CA VAL A 65 0.42 27.44 3.18
C VAL A 65 1.10 28.72 2.68
N LYS A 66 0.34 29.81 2.59
CA LYS A 66 0.90 31.07 2.14
C LYS A 66 1.96 31.58 3.11
N GLN A 67 1.75 31.38 4.41
CA GLN A 67 2.69 31.88 5.41
C GLN A 67 4.05 31.21 5.26
N MET A 68 4.07 29.87 5.12
CA MET A 68 5.36 29.22 4.95
C MET A 68 5.89 29.32 3.51
N ARG A 69 5.04 29.67 2.55
CA ARG A 69 5.57 30.02 1.22
C ARG A 69 6.31 31.35 1.28
N ILE A 70 5.79 32.31 2.06
CA ILE A 70 6.52 33.55 2.29
C ILE A 70 7.80 33.28 3.07
N LEU A 71 7.69 32.46 4.13
CA LEU A 71 8.87 32.14 4.93
C LEU A 71 9.79 31.17 4.20
N HIS A 72 9.21 30.19 3.50
CA HIS A 72 10.00 29.15 2.84
C HIS A 72 10.93 28.45 3.82
N SER A 78 3.35 29.50 -6.56
CA SER A 78 3.09 28.16 -7.05
C SER A 78 2.88 28.17 -8.56
N GLY A 79 3.30 27.09 -9.23
CA GLY A 79 3.18 26.99 -10.66
C GLY A 79 2.41 25.76 -11.06
N GLY A 80 1.82 25.83 -12.25
CA GLY A 80 1.01 24.73 -12.76
C GLY A 80 -0.21 24.45 -11.91
N THR A 81 -0.93 25.49 -11.52
CA THR A 81 -2.11 25.35 -10.67
C THR A 81 -3.33 25.13 -11.53
N SER A 82 -4.01 24.00 -11.31
CA SER A 82 -5.25 23.65 -12.00
C SER A 82 -6.26 23.14 -10.99
N GLY A 83 -6.40 23.88 -9.89
CA GLY A 83 -7.14 23.44 -8.73
C GLY A 83 -6.27 22.84 -7.65
N ILE A 84 -5.05 22.44 -7.98
CA ILE A 84 -4.11 21.88 -7.03
C ILE A 84 -3.07 22.95 -6.72
N PHE A 85 -3.04 23.40 -5.46
CA PHE A 85 -2.08 24.40 -5.01
C PHE A 85 -0.87 23.68 -4.43
N GLU A 86 0.24 23.70 -5.16
CA GLU A 86 1.47 23.06 -4.72
C GLU A 86 2.36 24.08 -4.02
N THR A 87 2.99 23.66 -2.93
CA THR A 87 3.84 24.52 -2.13
C THR A 87 5.13 23.81 -1.81
N LYS A 88 6.22 24.55 -1.78
CA LYS A 88 7.54 24.04 -1.43
C LYS A 88 8.11 24.83 -0.27
N PHE A 89 8.84 24.14 0.60
CA PHE A 89 9.60 24.80 1.65
C PHE A 89 10.70 23.85 2.09
N GLN A 90 11.64 24.39 2.88
CA GLN A 90 12.84 23.66 3.25
C GLN A 90 13.25 24.04 4.67
N VAL A 91 13.46 23.04 5.50
CA VAL A 91 13.90 23.23 6.87
C VAL A 91 15.12 22.35 7.10
N ASP A 92 16.22 22.95 7.54
CA ASP A 92 17.47 22.21 7.80
C ASP A 92 17.88 21.39 6.58
N LYS A 93 17.75 21.99 5.39
CA LYS A 93 18.21 21.40 4.14
C LYS A 93 17.45 20.15 3.74
N VAL A 94 16.27 19.93 4.32
CA VAL A 94 15.38 18.84 3.92
C VAL A 94 14.20 19.44 3.18
N ASN A 95 13.88 18.89 2.02
CA ASN A 95 12.90 19.46 1.12
C ASN A 95 11.53 18.83 1.33
N PHE A 96 10.49 19.67 1.37
CA PHE A 96 9.12 19.22 1.56
C PHE A 96 8.26 19.70 0.40
N HIS A 97 7.14 19.00 0.19
CA HIS A 97 6.22 19.27 -0.90
C HIS A 97 4.80 18.98 -0.43
N MET A 98 3.95 20.01 -0.37
CA MET A 98 2.58 19.86 0.10
C MET A 98 1.60 20.15 -1.03
N PHE A 99 0.48 19.43 -1.02
CA PHE A 99 -0.52 19.52 -2.08
C PHE A 99 -1.89 19.79 -1.47
N ASP A 100 -2.70 20.57 -2.18
CA ASP A 100 -4.04 20.96 -1.74
C ASP A 100 -5.01 20.80 -2.90
N VAL A 101 -5.76 19.71 -2.91
CA VAL A 101 -6.71 19.44 -3.98
C VAL A 101 -7.91 20.37 -3.83
N GLY A 102 -8.24 21.10 -4.90
CA GLY A 102 -9.30 22.07 -4.85
C GLY A 102 -10.22 22.08 -6.06
N GLY A 103 -9.92 21.25 -7.06
CA GLY A 103 -10.69 21.23 -8.28
C GLY A 103 -11.71 20.13 -8.35
N GLN A 104 -12.07 19.56 -7.21
CA GLN A 104 -13.01 18.45 -7.13
C GLN A 104 -14.29 18.88 -6.42
N ARG A 105 -15.34 18.09 -6.60
CA ARG A 105 -16.62 18.35 -5.99
C ARG A 105 -16.72 17.61 -4.64
N ASP A 106 -17.94 17.52 -4.10
CA ASP A 106 -18.13 17.19 -2.69
C ASP A 106 -17.56 15.82 -2.33
N GLU A 107 -17.81 14.82 -3.16
CA GLU A 107 -17.53 13.44 -2.77
C GLU A 107 -16.03 13.13 -2.82
N ARG A 108 -15.55 12.47 -1.77
CA ARG A 108 -14.11 12.28 -1.54
C ARG A 108 -13.64 10.85 -1.61
N ARG A 109 -14.53 9.86 -1.61
CA ARG A 109 -14.14 8.50 -1.26
C ARG A 109 -13.39 7.75 -2.36
N LYS A 110 -13.10 8.38 -3.49
CA LYS A 110 -12.36 7.71 -4.56
C LYS A 110 -11.00 8.34 -4.82
N TRP A 111 -10.91 9.66 -4.90
CA TRP A 111 -9.61 10.28 -5.14
C TRP A 111 -8.80 10.45 -3.86
N ILE A 112 -9.34 10.04 -2.71
CA ILE A 112 -8.60 10.18 -1.46
C ILE A 112 -7.52 9.11 -1.35
N GLN A 113 -7.65 7.99 -2.07
CA GLN A 113 -6.71 6.88 -1.95
C GLN A 113 -5.55 6.99 -2.93
N CYS A 114 -5.45 8.10 -3.67
CA CYS A 114 -4.22 8.40 -4.38
C CYS A 114 -3.09 8.82 -3.44
N PHE A 115 -3.39 9.04 -2.16
CA PHE A 115 -2.46 9.55 -1.18
C PHE A 115 -2.20 8.52 -0.08
N ASN A 116 -2.07 7.26 -0.47
CA ASN A 116 -1.92 6.17 0.49
C ASN A 116 -0.49 5.95 0.93
N ASP A 117 0.47 6.73 0.42
CA ASP A 117 1.88 6.55 0.77
C ASP A 117 2.58 7.88 1.02
N VAL A 118 1.85 8.87 1.53
CA VAL A 118 2.46 10.13 1.94
C VAL A 118 3.06 9.93 3.32
N THR A 119 3.89 10.88 3.76
CA THR A 119 4.47 10.75 5.10
C THR A 119 3.43 11.07 6.17
N ALA A 120 2.62 12.10 5.96
CA ALA A 120 1.62 12.50 6.95
C ALA A 120 0.50 13.24 6.25
N ILE A 121 -0.61 13.39 6.97
CA ILE A 121 -1.76 14.16 6.51
C ILE A 121 -1.98 15.29 7.51
N ILE A 122 -2.13 16.52 6.99
CA ILE A 122 -2.39 17.68 7.82
C ILE A 122 -3.90 17.91 7.86
N PHE A 123 -4.47 17.92 9.06
CA PHE A 123 -5.90 18.08 9.27
C PHE A 123 -6.13 19.34 10.08
N VAL A 124 -6.82 20.33 9.48
CA VAL A 124 -7.03 21.62 10.10
C VAL A 124 -8.50 21.74 10.48
N VAL A 125 -8.75 22.27 11.69
CA VAL A 125 -10.10 22.44 12.21
C VAL A 125 -10.26 23.88 12.66
N ASP A 126 -11.51 24.35 12.64
CA ASP A 126 -11.88 25.67 13.14
C ASP A 126 -12.60 25.44 14.47
N SER A 127 -11.92 25.71 15.57
CA SER A 127 -12.42 25.39 16.90
C SER A 127 -13.21 26.52 17.54
N SER A 128 -13.42 27.63 16.84
CA SER A 128 -14.24 28.71 17.35
C SER A 128 -15.70 28.60 16.95
N ASP A 129 -16.05 27.64 16.10
CA ASP A 129 -17.41 27.44 15.62
C ASP A 129 -17.88 26.05 16.06
N TYR A 130 -18.75 26.00 17.06
CA TYR A 130 -19.23 24.72 17.58
C TYR A 130 -20.26 24.10 16.66
N ASN A 131 -20.99 24.91 15.90
CA ASN A 131 -22.04 24.38 15.03
C ASN A 131 -21.48 23.48 13.93
N ARG A 132 -20.19 23.60 13.62
CA ARG A 132 -19.56 22.79 12.59
C ARG A 132 -18.52 21.84 13.18
N LEU A 133 -18.52 21.65 14.51
CA LEU A 133 -17.51 20.79 15.13
C LEU A 133 -17.78 19.32 14.87
N GLN A 134 -19.05 18.91 14.94
CA GLN A 134 -19.38 17.50 14.74
C GLN A 134 -19.06 17.05 13.32
N GLU A 135 -19.16 17.94 12.33
CA GLU A 135 -18.81 17.56 10.97
C GLU A 135 -17.32 17.24 10.86
N ALA A 136 -16.47 18.06 11.48
CA ALA A 136 -15.04 17.77 11.48
C ALA A 136 -14.74 16.51 12.28
N LEU A 137 -15.47 16.29 13.38
CA LEU A 137 -15.28 15.06 14.15
C LEU A 137 -15.59 13.83 13.31
N ASN A 138 -16.71 13.88 12.59
CA ASN A 138 -17.09 12.76 11.73
C ASN A 138 -16.10 12.54 10.61
N LEU A 139 -15.60 13.62 10.00
CA LEU A 139 -14.63 13.47 8.93
C LEU A 139 -13.33 12.86 9.44
N PHE A 140 -12.87 13.30 10.61
CA PHE A 140 -11.67 12.72 11.21
C PHE A 140 -11.87 11.25 11.52
N LYS A 141 -13.04 10.90 12.06
CA LYS A 141 -13.32 9.49 12.37
C LYS A 141 -13.33 8.65 11.11
N SER A 142 -13.90 9.18 10.02
CA SER A 142 -13.94 8.44 8.76
C SER A 142 -12.55 8.25 8.19
N ILE A 143 -11.70 9.28 8.27
CA ILE A 143 -10.33 9.16 7.77
C ILE A 143 -9.54 8.14 8.58
N TRP A 144 -9.66 8.21 9.91
CA TRP A 144 -8.86 7.37 10.79
C TRP A 144 -9.10 5.87 10.56
N ASN A 145 -10.25 5.49 10.02
CA ASN A 145 -10.65 4.10 9.92
C ASN A 145 -10.66 3.55 8.50
N ASN A 146 -10.23 4.32 7.53
CA ASN A 146 -10.26 3.85 6.14
C ASN A 146 -9.26 2.72 5.94
N ARG A 147 -9.62 1.80 5.05
CA ARG A 147 -8.78 0.63 4.81
C ARG A 147 -7.39 1.03 4.31
N TRP A 148 -7.32 1.98 3.38
CA TRP A 148 -6.07 2.35 2.75
C TRP A 148 -5.37 3.54 3.40
N LEU A 149 -6.00 4.18 4.38
CA LEU A 149 -5.39 5.30 5.09
C LEU A 149 -4.92 4.93 6.48
N ARG A 150 -5.02 3.67 6.88
CA ARG A 150 -4.28 3.21 8.04
C ARG A 150 -2.79 3.23 7.72
N THR A 151 -1.96 3.29 8.77
CA THR A 151 -0.52 3.35 8.68
C THR A 151 -0.03 4.76 8.35
N ILE A 152 -0.93 5.72 8.14
CA ILE A 152 -0.55 7.11 7.84
C ILE A 152 -0.90 7.95 9.06
N SER A 153 0.09 8.65 9.60
CA SER A 153 -0.12 9.49 10.76
C SER A 153 -0.80 10.80 10.35
N VAL A 154 -1.36 11.48 11.34
CA VAL A 154 -2.11 12.71 11.12
C VAL A 154 -1.58 13.78 12.06
N ILE A 155 -1.33 14.97 11.53
CA ILE A 155 -1.04 16.15 12.32
C ILE A 155 -2.34 16.94 12.46
N LEU A 156 -2.69 17.29 13.69
CA LEU A 156 -3.96 17.95 13.99
C LEU A 156 -3.68 19.38 14.41
N PHE A 157 -4.28 20.32 13.70
CA PHE A 157 -4.18 21.75 14.01
C PHE A 157 -5.57 22.26 14.38
N LEU A 158 -5.66 22.94 15.53
CA LEU A 158 -6.85 23.65 15.95
C LEU A 158 -6.53 25.14 15.78
N ASN A 159 -7.18 25.77 14.80
CA ASN A 159 -6.62 26.91 14.11
C ASN A 159 -7.07 28.28 14.61
N LYS A 160 -8.14 28.38 15.39
CA LYS A 160 -8.72 29.67 15.70
C LYS A 160 -8.86 29.86 17.20
N GLN A 161 -7.76 29.61 17.92
CA GLN A 161 -7.78 29.72 19.38
C GLN A 161 -8.16 31.12 19.85
N ASP A 162 -7.77 32.16 19.11
CA ASP A 162 -8.13 33.52 19.52
C ASP A 162 -9.64 33.73 19.48
N LEU A 163 -10.27 33.35 18.35
CA LEU A 163 -11.71 33.48 18.24
C LEU A 163 -12.42 32.65 19.31
N LEU A 164 -11.94 31.44 19.55
CA LEU A 164 -12.53 30.61 20.59
C LEU A 164 -12.42 31.26 21.96
N ALA A 165 -11.25 31.84 22.26
CA ALA A 165 -11.07 32.48 23.56
C ALA A 165 -12.04 33.64 23.74
N GLU A 166 -12.14 34.51 22.73
CA GLU A 166 -13.06 35.64 22.84
C GLU A 166 -14.50 35.17 22.90
N LYS A 167 -14.85 34.12 22.15
CA LYS A 167 -16.20 33.58 22.16
C LYS A 167 -16.57 33.07 23.55
N VAL A 168 -15.66 32.32 24.17
CA VAL A 168 -15.95 31.78 25.50
C VAL A 168 -16.01 32.90 26.53
N LEU A 169 -15.13 33.90 26.41
CA LEU A 169 -15.17 35.02 27.35
C LEU A 169 -16.48 35.79 27.25
N ALA A 170 -16.97 35.99 26.02
CA ALA A 170 -18.20 36.76 25.84
C ALA A 170 -19.38 36.08 26.54
N GLY A 171 -19.49 34.77 26.40
CA GLY A 171 -20.56 34.03 27.06
C GLY A 171 -21.91 34.09 26.40
N LYS A 172 -21.98 34.58 25.15
CA LYS A 172 -23.26 34.66 24.47
C LYS A 172 -23.87 33.28 24.24
N SER A 173 -23.05 32.32 23.84
CA SER A 173 -23.50 30.97 23.55
C SER A 173 -22.71 29.98 24.42
N LYS A 174 -23.37 28.87 24.77
CA LYS A 174 -22.82 27.89 25.69
C LYS A 174 -22.50 26.60 24.96
N ILE A 175 -21.37 25.99 25.32
CA ILE A 175 -20.91 24.79 24.62
C ILE A 175 -21.80 23.60 24.92
N GLU A 176 -22.40 23.54 26.11
CA GLU A 176 -23.13 22.34 26.51
C GLU A 176 -24.33 22.05 25.63
N ASP A 177 -24.86 23.07 24.92
CA ASP A 177 -26.00 22.83 24.06
C ASP A 177 -25.67 21.86 22.94
N TYR A 178 -24.50 22.01 22.32
CA TYR A 178 -24.08 21.07 21.29
C TYR A 178 -23.49 19.80 21.88
N PHE A 179 -22.78 19.91 23.00
CA PHE A 179 -22.14 18.77 23.66
C PHE A 179 -22.54 18.79 25.14
N PRO A 180 -23.64 18.13 25.50
CA PRO A 180 -24.06 18.14 26.92
C PRO A 180 -23.05 17.50 27.85
N GLU A 181 -22.16 16.64 27.36
CA GLU A 181 -21.16 16.03 28.22
C GLU A 181 -20.19 17.04 28.80
N PHE A 182 -20.12 18.25 28.23
CA PHE A 182 -19.19 19.25 28.71
C PHE A 182 -19.50 19.72 30.13
N ALA A 183 -20.71 19.44 30.62
CA ALA A 183 -21.07 19.88 31.96
C ALA A 183 -20.24 19.16 33.02
N ARG A 184 -20.01 17.86 32.87
CA ARG A 184 -19.28 17.06 33.83
C ARG A 184 -17.78 16.99 33.54
N TYR A 185 -17.30 17.70 32.53
CA TYR A 185 -15.88 17.65 32.17
C TYR A 185 -15.04 18.26 33.27
N THR A 186 -13.86 17.68 33.49
CA THR A 186 -12.88 18.21 34.43
C THR A 186 -11.52 18.29 33.74
N THR A 187 -10.80 19.37 34.01
CA THR A 187 -9.54 19.60 33.32
C THR A 187 -8.55 18.49 33.64
N PRO A 188 -7.79 18.00 32.66
CA PRO A 188 -6.79 16.96 32.93
C PRO A 188 -5.56 17.53 33.62
N GLU A 189 -4.82 16.62 34.28
CA GLU A 189 -3.65 17.03 35.05
C GLU A 189 -2.52 17.48 34.15
N ASP A 190 -2.32 16.80 33.02
CA ASP A 190 -1.19 17.09 32.14
C ASP A 190 -1.33 18.44 31.43
N ALA A 191 -2.50 19.07 31.49
CA ALA A 191 -2.69 20.36 30.84
C ALA A 191 -1.69 21.37 31.37
N THR A 192 -1.16 22.19 30.47
CA THR A 192 -0.15 23.20 30.79
C THR A 192 -0.66 24.55 30.29
N PRO A 193 -1.54 25.21 31.04
CA PRO A 193 -2.10 26.48 30.56
C PRO A 193 -1.03 27.53 30.32
N GLU A 194 -1.30 28.40 29.35
CA GLU A 194 -0.41 29.51 29.08
C GLU A 194 -0.48 30.51 30.24
N PRO A 195 0.56 31.34 30.41
CA PRO A 195 0.63 32.18 31.61
C PRO A 195 -0.58 33.07 31.83
N GLY A 196 -1.13 33.66 30.77
CA GLY A 196 -2.21 34.62 30.91
C GLY A 196 -3.59 34.08 30.58
N GLU A 197 -3.73 32.76 30.58
CA GLU A 197 -4.99 32.12 30.17
C GLU A 197 -5.94 31.99 31.35
N ASP A 198 -7.22 32.28 31.09
CA ASP A 198 -8.28 32.03 32.05
C ASP A 198 -8.57 30.53 32.12
N PRO A 199 -8.80 29.98 33.32
CA PRO A 199 -8.93 28.51 33.42
C PRO A 199 -10.02 27.92 32.55
N ARG A 200 -11.15 28.62 32.38
CA ARG A 200 -12.27 28.02 31.65
C ARG A 200 -12.03 27.97 30.14
N VAL A 201 -11.29 28.93 29.59
CA VAL A 201 -10.91 28.84 28.18
C VAL A 201 -10.04 27.61 27.95
N THR A 202 -9.07 27.38 28.84
CA THR A 202 -8.24 26.19 28.77
C THR A 202 -9.10 24.94 28.88
N ARG A 203 -10.05 24.94 29.81
CA ARG A 203 -10.97 23.81 29.97
C ARG A 203 -11.65 23.49 28.65
N ALA A 204 -12.27 24.49 28.03
CA ALA A 204 -13.02 24.26 26.80
C ALA A 204 -12.11 23.75 25.68
N LYS A 205 -10.96 24.39 25.49
CA LYS A 205 -10.08 24.00 24.39
C LYS A 205 -9.57 22.57 24.58
N TYR A 206 -9.16 22.23 25.80
CA TYR A 206 -8.67 20.87 26.04
C TYR A 206 -9.79 19.85 25.92
N PHE A 207 -11.02 20.22 26.26
CA PHE A 207 -12.15 19.32 26.03
C PHE A 207 -12.31 19.01 24.55
N ILE A 208 -12.31 20.06 23.72
CA ILE A 208 -12.47 19.85 22.28
C ILE A 208 -11.34 18.99 21.74
N ARG A 209 -10.11 19.22 22.21
CA ARG A 209 -8.99 18.38 21.78
C ARG A 209 -9.17 16.93 22.22
N ASP A 210 -9.59 16.72 23.46
CA ASP A 210 -9.75 15.37 23.98
C ASP A 210 -10.80 14.59 23.22
N GLU A 211 -11.80 15.26 22.65
CA GLU A 211 -12.75 14.56 21.79
C GLU A 211 -12.04 13.85 20.64
N PHE A 212 -11.22 14.60 19.89
CA PHE A 212 -10.48 14.02 18.78
C PHE A 212 -9.53 12.95 19.26
N LEU A 213 -8.84 13.19 20.39
CA LEU A 213 -7.89 12.20 20.88
C LEU A 213 -8.60 10.91 21.32
N ARG A 214 -9.83 11.01 21.83
CA ARG A 214 -10.58 9.82 22.20
C ARG A 214 -10.95 9.02 20.95
N ILE A 215 -11.43 9.70 19.91
CA ILE A 215 -11.67 8.98 18.65
C ILE A 215 -10.38 8.31 18.17
N SER A 216 -9.26 9.02 18.28
CA SER A 216 -7.99 8.51 17.76
C SER A 216 -7.55 7.25 18.51
N THR A 217 -7.64 7.27 19.84
CA THR A 217 -7.15 6.15 20.63
C THR A 217 -8.16 5.03 20.80
N ALA A 218 -9.43 5.24 20.45
CA ALA A 218 -10.42 4.20 20.65
C ALA A 218 -10.06 2.91 19.91
N SER A 219 -9.79 3.01 18.61
CA SER A 219 -9.62 1.82 17.79
C SER A 219 -8.46 1.97 16.81
N GLY A 220 -7.41 2.66 17.18
CA GLY A 220 -6.24 2.77 16.33
C GLY A 220 -5.39 1.53 16.39
N ASP A 221 -4.08 1.70 16.40
CA ASP A 221 -3.15 0.59 16.56
C ASP A 221 -1.76 1.16 16.80
N GLY A 222 -0.77 0.26 16.90
CA GLY A 222 0.61 0.67 17.04
C GLY A 222 1.26 1.13 15.76
N ARG A 223 0.54 1.05 14.64
CA ARG A 223 1.03 1.48 13.33
C ARG A 223 0.40 2.81 12.92
N HIS A 224 0.17 3.70 13.88
CA HIS A 224 -0.71 4.84 13.66
C HIS A 224 -0.52 5.80 14.82
N TYR A 225 -0.55 7.10 14.54
CA TYR A 225 -0.46 8.07 15.62
C TYR A 225 -1.06 9.40 15.17
N CYS A 226 -1.33 10.26 16.13
CA CYS A 226 -1.91 11.58 15.89
C CYS A 226 -1.24 12.59 16.80
N TYR A 227 -0.70 13.66 16.19
CA TYR A 227 0.00 14.70 16.93
C TYR A 227 -0.83 15.99 16.93
N PRO A 228 -1.36 16.44 18.07
CA PRO A 228 -2.12 17.68 18.10
C PRO A 228 -1.28 18.90 18.45
N HIS A 229 -1.68 20.04 17.90
CA HIS A 229 -1.07 21.33 18.21
C HIS A 229 -2.15 22.42 18.17
N PHE A 230 -2.05 23.37 19.09
CA PHE A 230 -2.87 24.57 19.06
C PHE A 230 -2.17 25.63 18.22
N THR A 231 -2.87 26.16 17.23
CA THR A 231 -2.27 27.13 16.31
C THR A 231 -3.25 28.27 16.07
N CYS A 232 -2.74 29.33 15.46
CA CYS A 232 -3.52 30.54 15.20
C CYS A 232 -3.12 31.05 13.82
N ALA A 233 -3.52 32.28 13.50
CA ALA A 233 -3.21 32.90 12.22
C ALA A 233 -1.95 33.75 12.26
N VAL A 234 -1.26 33.81 13.39
CA VAL A 234 -0.03 34.60 13.54
C VAL A 234 1.19 33.74 13.84
N ASP A 235 1.02 32.43 14.00
CA ASP A 235 2.13 31.57 14.34
C ASP A 235 3.09 31.42 13.15
N THR A 236 4.37 31.24 13.46
CA THR A 236 5.39 31.01 12.45
C THR A 236 6.28 29.82 12.81
N GLU A 237 5.76 28.86 13.57
CA GLU A 237 6.51 27.68 13.97
C GLU A 237 5.98 26.41 13.33
N ASN A 238 5.03 26.52 12.39
CA ASN A 238 4.37 25.33 11.87
C ASN A 238 5.30 24.50 11.02
N ALA A 239 6.23 25.13 10.30
CA ALA A 239 7.19 24.38 9.50
C ALA A 239 8.04 23.48 10.38
N ARG A 240 8.50 23.99 11.52
CA ARG A 240 9.31 23.18 12.41
C ARG A 240 8.49 22.09 13.11
N ARG A 241 7.21 22.36 13.38
CA ARG A 241 6.34 21.31 13.91
C ARG A 241 6.21 20.16 12.93
N ILE A 242 5.93 20.48 11.67
CA ILE A 242 5.83 19.43 10.65
C ILE A 242 7.16 18.70 10.53
N PHE A 243 8.28 19.44 10.55
CA PHE A 243 9.60 18.83 10.44
C PHE A 243 9.82 17.82 11.56
N ASN A 244 9.60 18.23 12.81
CA ASN A 244 9.84 17.35 13.94
C ASN A 244 8.93 16.13 13.90
N ASP A 245 7.65 16.32 13.56
CA ASP A 245 6.74 15.18 13.53
C ASP A 245 7.11 14.21 12.42
N CYS A 246 7.56 14.71 11.27
CA CYS A 246 8.00 13.83 10.20
C CYS A 246 9.26 13.07 10.61
N ARG A 247 10.16 13.74 11.35
CA ARG A 247 11.33 13.05 11.87
C ARG A 247 10.95 11.90 12.78
N ASP A 248 10.00 12.14 13.69
CA ASP A 248 9.54 11.08 14.58
C ASP A 248 8.90 9.93 13.81
N ILE A 249 8.07 10.26 12.81
CA ILE A 249 7.41 9.21 12.02
C ILE A 249 8.44 8.36 11.30
N ILE A 250 9.44 9.01 10.68
CA ILE A 250 10.43 8.28 9.91
C ILE A 250 11.29 7.42 10.83
N GLN A 251 11.63 7.93 12.01
CA GLN A 251 12.39 7.11 12.96
C GLN A 251 11.61 5.89 13.39
N ARG A 252 10.31 6.04 13.64
CA ARG A 252 9.49 4.90 14.04
C ARG A 252 9.41 3.87 12.91
N MET A 253 9.34 4.33 11.67
CA MET A 253 9.33 3.39 10.55
C MET A 253 10.68 2.69 10.41
N HIS A 254 11.78 3.41 10.62
CA HIS A 254 13.09 2.81 10.53
C HIS A 254 13.29 1.73 11.59
N LEU A 255 12.77 1.98 12.80
CA LEU A 255 12.87 0.95 13.84
C LEU A 255 12.30 -0.38 13.35
N ARG A 256 11.16 -0.33 12.66
CA ARG A 256 10.52 -1.55 12.18
C ARG A 256 11.24 -2.13 10.97
N GLN A 257 11.74 -1.27 10.07
CA GLN A 257 12.42 -1.77 8.88
C GLN A 257 13.70 -2.52 9.23
N TYR A 258 14.47 -2.02 10.20
CA TYR A 258 15.76 -2.58 10.55
C TYR A 258 15.67 -3.62 11.66
N GLU A 259 14.49 -4.20 11.87
CA GLU A 259 14.32 -5.38 12.71
C GLU A 259 14.76 -5.13 14.16
N LEU A 260 14.57 -3.91 14.65
CA LEU A 260 14.74 -3.65 16.07
C LEU A 260 13.43 -3.75 16.83
N LEU A 261 12.30 -3.57 16.15
CA LEU A 261 10.99 -3.78 16.75
C LEU A 261 10.51 -5.20 16.47
N GLY B 31 -46.05 20.99 -5.70
CA GLY B 31 -46.08 19.74 -4.89
C GLY B 31 -46.93 18.67 -5.57
N SER B 32 -48.15 19.06 -5.98
CA SER B 32 -49.04 18.11 -6.65
C SER B 32 -48.43 17.64 -7.96
N GLU B 33 -47.88 18.57 -8.75
CA GLU B 33 -47.23 18.18 -9.99
C GLU B 33 -46.02 17.29 -9.74
N LEU B 34 -45.23 17.60 -8.70
CA LEU B 34 -44.09 16.77 -8.37
C LEU B 34 -44.54 15.38 -7.93
N ASP B 35 -45.63 15.30 -7.15
CA ASP B 35 -46.15 14.00 -6.75
C ASP B 35 -46.62 13.20 -7.96
N GLN B 36 -47.31 13.86 -8.90
CA GLN B 36 -47.75 13.17 -10.11
C GLN B 36 -46.57 12.66 -10.91
N LEU B 37 -45.52 13.48 -11.04
CA LEU B 37 -44.35 13.05 -11.79
C LEU B 37 -43.68 11.85 -11.13
N ARG B 38 -43.55 11.88 -9.80
CA ARG B 38 -42.96 10.75 -9.09
C ARG B 38 -43.82 9.49 -9.27
N GLN B 39 -45.14 9.63 -9.18
CA GLN B 39 -46.01 8.48 -9.32
C GLN B 39 -45.92 7.89 -10.72
N GLU B 40 -45.88 8.73 -11.75
CA GLU B 40 -45.78 8.21 -13.11
C GLU B 40 -44.41 7.60 -13.36
N ALA B 41 -43.36 8.14 -12.75
CA ALA B 41 -42.05 7.50 -12.82
C ALA B 41 -42.09 6.11 -12.19
N GLU B 42 -42.78 5.98 -11.05
CA GLU B 42 -42.94 4.68 -10.43
C GLU B 42 -43.71 3.73 -11.34
N GLN B 43 -44.75 4.23 -12.01
CA GLN B 43 -45.52 3.40 -12.93
C GLN B 43 -44.66 2.90 -14.09
N LEU B 44 -43.83 3.79 -14.66
CA LEU B 44 -42.93 3.38 -15.73
C LEU B 44 -41.91 2.37 -15.22
N LYS B 45 -41.41 2.56 -14.01
CA LYS B 45 -40.50 1.58 -13.42
C LYS B 45 -41.18 0.23 -13.29
N ASN B 46 -42.43 0.20 -12.84
CA ASN B 46 -43.16 -1.05 -12.72
C ASN B 46 -43.37 -1.70 -14.08
N GLN B 47 -43.67 -0.90 -15.10
CA GLN B 47 -43.82 -1.45 -16.44
C GLN B 47 -42.52 -2.10 -16.91
N ILE B 48 -41.39 -1.42 -16.69
CA ILE B 48 -40.10 -1.97 -17.11
C ILE B 48 -39.81 -3.26 -16.35
N ARG B 49 -40.10 -3.28 -15.06
CA ARG B 49 -39.86 -4.49 -14.26
C ARG B 49 -40.73 -5.64 -14.74
N ASP B 50 -41.99 -5.36 -15.07
CA ASP B 50 -42.88 -6.41 -15.58
C ASP B 50 -42.38 -6.95 -16.90
N ALA B 51 -41.93 -6.07 -17.80
CA ALA B 51 -41.38 -6.53 -19.07
C ALA B 51 -40.15 -7.39 -18.85
N ARG B 52 -39.27 -6.97 -17.93
CA ARG B 52 -38.06 -7.76 -17.66
C ARG B 52 -38.43 -9.12 -17.10
N LYS B 53 -39.41 -9.17 -16.19
CA LYS B 53 -39.84 -10.45 -15.64
C LYS B 53 -40.42 -11.35 -16.73
N ALA B 54 -41.21 -10.77 -17.64
CA ALA B 54 -41.80 -11.56 -18.71
C ALA B 54 -40.73 -12.12 -19.64
N CYS B 55 -39.69 -11.33 -19.92
CA CYS B 55 -38.66 -11.77 -20.84
C CYS B 55 -37.82 -12.92 -20.28
N ALA B 56 -37.89 -13.18 -18.98
CA ALA B 56 -37.09 -14.22 -18.35
C ALA B 56 -37.88 -15.53 -18.33
N ASP B 57 -37.34 -16.55 -18.98
CA ASP B 57 -37.93 -17.89 -18.97
C ASP B 57 -36.95 -18.98 -18.63
N ALA B 58 -35.67 -18.67 -18.47
CA ALA B 58 -34.65 -19.65 -18.12
C ALA B 58 -33.43 -18.89 -17.59
N THR B 59 -32.34 -19.61 -17.37
CA THR B 59 -31.13 -19.01 -16.83
C THR B 59 -29.91 -19.71 -17.44
N LEU B 60 -28.77 -19.00 -17.39
CA LEU B 60 -27.53 -19.56 -17.92
C LEU B 60 -27.18 -20.88 -17.25
N SER B 61 -27.45 -21.00 -15.95
CA SER B 61 -27.05 -22.19 -15.21
C SER B 61 -27.71 -23.44 -15.78
N GLN B 62 -29.01 -23.37 -16.05
CA GLN B 62 -29.72 -24.55 -16.56
C GLN B 62 -29.20 -24.95 -17.93
N ILE B 63 -29.03 -23.97 -18.83
CA ILE B 63 -28.64 -24.29 -20.20
C ILE B 63 -27.21 -24.80 -20.25
N THR B 64 -26.32 -24.25 -19.42
CA THR B 64 -24.91 -24.59 -19.47
C THR B 64 -24.53 -25.74 -18.56
N ASN B 65 -25.49 -26.37 -17.88
CA ASN B 65 -25.17 -27.39 -16.89
C ASN B 65 -24.40 -28.55 -17.52
N ASN B 66 -24.59 -28.82 -18.80
CA ASN B 66 -23.98 -29.98 -19.44
C ASN B 66 -22.54 -29.72 -19.89
N ILE B 67 -22.09 -28.47 -19.93
CA ILE B 67 -20.76 -28.15 -20.42
C ILE B 67 -19.72 -28.62 -19.42
N ASP B 68 -18.61 -29.15 -19.94
CA ASP B 68 -17.52 -29.60 -19.08
C ASP B 68 -16.73 -28.40 -18.56
N PRO B 69 -16.10 -28.52 -17.40
CA PRO B 69 -15.37 -27.40 -16.81
C PRO B 69 -13.95 -27.30 -17.37
N VAL B 70 -13.25 -26.24 -16.94
CA VAL B 70 -11.87 -25.98 -17.35
C VAL B 70 -10.98 -25.88 -16.11
N GLY B 71 -11.30 -26.65 -15.08
CA GLY B 71 -10.69 -26.51 -13.77
C GLY B 71 -9.20 -26.81 -13.70
N ARG B 72 -8.55 -27.10 -14.82
CA ARG B 72 -7.11 -27.41 -14.83
C ARG B 72 -6.26 -26.21 -15.25
N ILE B 73 -6.65 -25.00 -14.87
CA ILE B 73 -5.98 -23.79 -15.31
C ILE B 73 -4.92 -23.40 -14.28
N GLN B 74 -3.67 -23.35 -14.72
CA GLN B 74 -2.56 -23.00 -13.84
C GLN B 74 -1.43 -22.42 -14.67
N MET B 75 -0.95 -21.24 -14.29
CA MET B 75 0.10 -20.57 -15.03
C MET B 75 0.96 -19.78 -14.07
N ARG B 76 2.18 -19.47 -14.51
CA ARG B 76 3.20 -18.86 -13.66
C ARG B 76 3.78 -17.63 -14.35
N THR B 77 4.34 -16.74 -13.55
CA THR B 77 4.91 -15.51 -14.07
C THR B 77 6.14 -15.81 -14.91
N ARG B 78 6.23 -15.15 -16.07
CA ARG B 78 7.32 -15.37 -17.01
C ARG B 78 8.24 -14.16 -17.17
N ARG B 79 7.85 -12.99 -16.66
CA ARG B 79 8.69 -11.80 -16.70
C ARG B 79 8.41 -10.99 -15.44
N THR B 80 9.27 -10.00 -15.21
CA THR B 80 9.06 -9.04 -14.13
C THR B 80 9.76 -7.75 -14.54
N LEU B 81 8.98 -6.71 -14.80
CA LEU B 81 9.52 -5.44 -15.29
C LEU B 81 9.79 -4.51 -14.12
N ARG B 82 11.02 -4.02 -14.03
CA ARG B 82 11.48 -3.20 -12.93
C ARG B 82 11.91 -1.82 -13.44
N GLY B 83 11.75 -0.81 -12.60
CA GLY B 83 12.16 0.53 -12.95
C GLY B 83 11.25 1.62 -12.45
N HIS B 84 9.96 1.32 -12.23
CA HIS B 84 9.05 2.31 -11.68
C HIS B 84 9.36 2.56 -10.21
N LEU B 85 9.28 3.83 -9.80
CA LEU B 85 9.60 4.21 -8.43
C LEU B 85 8.42 4.07 -7.49
N ALA B 86 7.20 4.27 -7.97
CA ALA B 86 6.02 4.25 -7.11
C ALA B 86 4.99 3.27 -7.63
N LYS B 87 3.79 3.28 -7.05
CA LYS B 87 2.76 2.32 -7.41
C LYS B 87 2.26 2.55 -8.83
N ILE B 88 1.97 1.46 -9.53
CA ILE B 88 1.46 1.52 -10.89
C ILE B 88 -0.06 1.64 -10.84
N TYR B 89 -0.60 2.59 -11.61
CA TYR B 89 -2.04 2.84 -11.63
C TYR B 89 -2.72 2.31 -12.88
N ALA B 90 -2.05 2.34 -14.03
CA ALA B 90 -2.68 1.91 -15.28
C ALA B 90 -1.62 1.36 -16.23
N MET B 91 -2.10 0.61 -17.23
CA MET B 91 -1.25 0.10 -18.30
C MET B 91 -2.13 -0.17 -19.51
N HIS B 92 -1.50 -0.30 -20.67
CA HIS B 92 -2.25 -0.58 -21.89
C HIS B 92 -1.34 -1.22 -22.93
N TRP B 93 -1.81 -2.32 -23.53
CA TRP B 93 -1.08 -2.98 -24.58
C TRP B 93 -1.09 -2.16 -25.87
N GLY B 94 -0.04 -2.34 -26.68
CA GLY B 94 -0.07 -1.86 -28.04
C GLY B 94 -0.78 -2.84 -28.94
N THR B 95 -1.20 -2.34 -30.11
CA THR B 95 -1.98 -3.18 -31.03
C THR B 95 -1.16 -4.35 -31.56
N ASP B 96 0.16 -4.24 -31.58
CA ASP B 96 1.01 -5.36 -32.01
C ASP B 96 1.20 -6.42 -30.94
N SER B 97 0.80 -6.14 -29.70
CA SER B 97 0.90 -7.09 -28.59
C SER B 97 2.36 -7.45 -28.29
N ARG B 98 3.27 -6.52 -28.57
CA ARG B 98 4.67 -6.64 -28.18
C ARG B 98 5.11 -5.51 -27.27
N LEU B 99 4.74 -4.27 -27.59
CA LEU B 99 5.05 -3.11 -26.78
C LEU B 99 3.87 -2.76 -25.89
N LEU B 100 4.16 -2.21 -24.71
CA LEU B 100 3.12 -1.77 -23.80
C LEU B 100 3.58 -0.52 -23.08
N VAL B 101 2.61 0.31 -22.68
CA VAL B 101 2.86 1.54 -21.95
C VAL B 101 2.33 1.38 -20.54
N SER B 102 3.02 1.96 -19.58
CA SER B 102 2.65 1.90 -18.17
C SER B 102 2.74 3.28 -17.56
N ALA B 103 1.94 3.51 -16.53
CA ALA B 103 1.87 4.79 -15.84
C ALA B 103 2.08 4.56 -14.35
N SER B 104 2.86 5.45 -13.72
CA SER B 104 3.16 5.36 -12.32
C SER B 104 3.03 6.73 -11.69
N GLN B 105 2.73 6.77 -10.39
CA GLN B 105 2.42 8.01 -9.72
C GLN B 105 3.67 8.75 -9.26
N ASP B 106 4.86 8.31 -9.66
CA ASP B 106 6.05 9.13 -9.53
C ASP B 106 6.19 10.11 -10.70
N GLY B 107 5.43 9.94 -11.77
CA GLY B 107 5.41 10.88 -12.87
C GLY B 107 6.15 10.40 -14.11
N LYS B 108 5.99 9.13 -14.48
CA LYS B 108 6.69 8.56 -15.61
C LYS B 108 5.76 7.72 -16.47
N LEU B 109 5.90 7.86 -17.78
CA LEU B 109 5.34 6.94 -18.76
C LEU B 109 6.50 6.19 -19.40
N ILE B 110 6.56 4.88 -19.17
CA ILE B 110 7.63 4.03 -19.69
C ILE B 110 7.04 3.08 -20.70
N ILE B 111 7.67 3.01 -21.88
CA ILE B 111 7.28 2.10 -22.94
C ILE B 111 8.30 0.97 -22.96
N TRP B 112 7.86 -0.24 -22.61
CA TRP B 112 8.73 -1.39 -22.49
C TRP B 112 8.69 -2.23 -23.78
N ASP B 113 9.75 -2.99 -23.99
CA ASP B 113 9.75 -4.07 -24.97
C ASP B 113 9.54 -5.37 -24.22
N SER B 114 8.43 -6.04 -24.51
CA SER B 114 8.03 -7.19 -23.69
C SER B 114 8.96 -8.37 -23.90
N TYR B 115 9.39 -8.61 -25.14
CA TYR B 115 10.17 -9.81 -25.44
C TYR B 115 11.52 -9.78 -24.73
N THR B 116 12.26 -8.67 -24.87
CA THR B 116 13.60 -8.56 -24.32
C THR B 116 13.64 -7.79 -23.01
N THR B 117 12.51 -7.25 -22.55
CA THR B 117 12.42 -6.47 -21.32
C THR B 117 13.21 -5.17 -21.39
N ASN B 118 13.46 -4.66 -22.59
CA ASN B 118 14.18 -3.41 -22.77
C ASN B 118 13.23 -2.23 -22.69
N LYS B 119 13.75 -1.10 -22.23
CA LYS B 119 13.00 0.15 -22.20
C LYS B 119 13.22 0.91 -23.50
N VAL B 120 12.13 1.32 -24.15
CA VAL B 120 12.19 2.03 -25.41
C VAL B 120 12.12 3.54 -25.21
N HIS B 121 11.22 4.01 -24.35
CA HIS B 121 11.06 5.43 -24.10
C HIS B 121 10.83 5.65 -22.61
N ALA B 122 10.84 6.92 -22.21
CA ALA B 122 10.48 7.29 -20.84
C ALA B 122 10.11 8.77 -20.86
N ILE B 123 8.84 9.07 -20.64
CA ILE B 123 8.31 10.43 -20.76
C ILE B 123 8.07 10.98 -19.37
N PRO B 124 8.77 12.02 -18.94
CA PRO B 124 8.36 12.72 -17.71
C PRO B 124 7.06 13.49 -17.94
N LEU B 125 6.28 13.61 -16.87
CA LEU B 125 4.99 14.27 -16.92
C LEU B 125 4.98 15.51 -16.04
N ARG B 126 4.18 16.50 -16.45
CA ARG B 126 4.08 17.73 -15.67
C ARG B 126 3.42 17.48 -14.31
N SER B 127 2.38 16.65 -14.29
CA SER B 127 1.66 16.31 -13.07
C SER B 127 1.86 14.84 -12.77
N SER B 128 2.17 14.52 -11.50
CA SER B 128 2.51 13.16 -11.11
C SER B 128 1.30 12.32 -10.69
N TRP B 129 0.12 12.92 -10.55
CA TRP B 129 -1.06 12.19 -10.10
C TRP B 129 -1.84 11.62 -11.27
N VAL B 130 -1.14 10.87 -12.12
CA VAL B 130 -1.77 10.24 -13.28
C VAL B 130 -2.63 9.07 -12.83
N MET B 131 -3.78 8.90 -13.46
CA MET B 131 -4.70 7.83 -13.13
C MET B 131 -5.08 6.95 -14.32
N THR B 132 -4.68 7.31 -15.53
CA THR B 132 -5.03 6.52 -16.71
C THR B 132 -4.01 6.79 -17.80
N CYS B 133 -3.99 5.89 -18.79
CA CYS B 133 -3.09 6.02 -19.94
C CYS B 133 -3.62 5.15 -21.07
N ALA B 134 -3.38 5.60 -22.30
CA ALA B 134 -3.88 4.90 -23.48
C ALA B 134 -2.79 4.84 -24.54
N TYR B 135 -2.92 3.85 -25.42
CA TYR B 135 -1.99 3.61 -26.52
C TYR B 135 -2.76 3.74 -27.82
N ALA B 136 -2.27 4.59 -28.72
CA ALA B 136 -2.99 4.81 -29.97
C ALA B 136 -2.98 3.53 -30.81
N PRO B 137 -4.09 3.18 -31.45
CA PRO B 137 -4.08 1.97 -32.30
C PRO B 137 -3.10 2.05 -33.45
N SER B 138 -2.81 3.25 -33.95
CA SER B 138 -1.81 3.40 -35.01
C SER B 138 -0.38 3.27 -34.49
N GLY B 139 -0.16 3.54 -33.20
CA GLY B 139 1.15 3.40 -32.61
C GLY B 139 1.97 4.65 -32.54
N ASN B 140 1.40 5.82 -32.87
CA ASN B 140 2.16 7.06 -32.95
C ASN B 140 2.04 7.93 -31.72
N TYR B 141 0.99 7.76 -30.91
CA TYR B 141 0.73 8.62 -29.77
C TYR B 141 0.41 7.79 -28.54
N VAL B 142 0.52 8.44 -27.39
CA VAL B 142 0.02 7.90 -26.12
C VAL B 142 -0.67 9.03 -25.39
N ALA B 143 -1.80 8.73 -24.75
CA ALA B 143 -2.56 9.70 -24.00
C ALA B 143 -2.32 9.51 -22.50
N CYS B 144 -2.63 10.55 -21.74
CA CYS B 144 -2.35 10.55 -20.32
C CYS B 144 -3.28 11.55 -19.64
N GLY B 145 -3.53 11.32 -18.36
CA GLY B 145 -4.40 12.21 -17.60
C GLY B 145 -4.51 11.73 -16.17
N GLY B 146 -5.18 12.54 -15.36
CA GLY B 146 -5.31 12.24 -13.95
C GLY B 146 -6.03 13.31 -13.16
N LEU B 147 -5.46 13.69 -12.02
CA LEU B 147 -6.08 14.61 -11.08
C LEU B 147 -5.97 16.07 -11.51
N ASP B 148 -5.57 16.35 -12.74
CA ASP B 148 -5.43 17.72 -13.23
C ASP B 148 -6.53 18.13 -14.21
N ASN B 149 -7.48 17.24 -14.50
CA ASN B 149 -8.62 17.56 -15.37
C ASN B 149 -8.21 17.81 -16.81
N ILE B 150 -7.08 17.25 -17.24
CA ILE B 150 -6.54 17.47 -18.57
C ILE B 150 -6.21 16.11 -19.20
N CYS B 151 -6.20 16.09 -20.52
CA CYS B 151 -5.77 14.92 -21.30
C CYS B 151 -4.68 15.38 -22.27
N SER B 152 -3.47 14.89 -22.07
CA SER B 152 -2.31 15.29 -22.85
C SER B 152 -1.97 14.23 -23.88
N ILE B 153 -1.68 14.67 -25.10
CA ILE B 153 -1.33 13.80 -26.22
C ILE B 153 0.16 13.98 -26.51
N TYR B 154 0.88 12.86 -26.57
CA TYR B 154 2.32 12.86 -26.83
C TYR B 154 2.60 12.23 -28.19
N ASN B 155 3.60 12.78 -28.88
CA ASN B 155 4.00 12.30 -30.20
C ASN B 155 5.28 11.47 -30.05
N LEU B 156 5.23 10.24 -30.56
CA LEU B 156 6.34 9.31 -30.43
C LEU B 156 7.20 9.20 -31.69
N LYS B 157 6.84 9.91 -32.76
CA LYS B 157 7.55 9.77 -34.04
C LYS B 157 7.78 11.15 -34.66
N THR B 158 8.27 12.09 -33.86
CA THR B 158 8.62 13.41 -34.38
C THR B 158 9.96 13.34 -35.11
N ARG B 159 10.09 14.18 -36.15
CA ARG B 159 11.30 14.15 -36.97
C ARG B 159 12.56 14.37 -36.16
N GLU B 160 12.46 15.14 -35.07
CA GLU B 160 13.63 15.43 -34.25
C GLU B 160 14.10 14.22 -33.43
N GLY B 161 13.33 13.14 -33.40
CA GLY B 161 13.71 11.99 -32.60
C GLY B 161 13.46 12.15 -31.12
N ASN B 162 12.45 12.92 -30.74
CA ASN B 162 12.13 13.16 -29.35
C ASN B 162 10.62 13.00 -29.15
N VAL B 163 10.22 12.82 -27.91
CA VAL B 163 8.81 12.70 -27.54
C VAL B 163 8.39 14.02 -26.88
N ARG B 164 7.39 14.68 -27.47
CA ARG B 164 6.97 15.99 -27.04
C ARG B 164 5.45 16.07 -27.02
N VAL B 165 4.92 16.96 -26.17
CA VAL B 165 3.49 17.20 -26.12
C VAL B 165 3.04 17.83 -27.43
N SER B 166 1.90 17.39 -27.94
CA SER B 166 1.34 17.92 -29.16
C SER B 166 -0.07 18.49 -29.01
N ARG B 167 -0.74 18.25 -27.88
CA ARG B 167 -2.09 18.77 -27.68
C ARG B 167 -2.49 18.55 -26.23
N GLU B 168 -3.26 19.51 -25.70
CA GLU B 168 -3.86 19.40 -24.38
C GLU B 168 -5.36 19.64 -24.50
N LEU B 169 -6.14 18.75 -23.90
CA LEU B 169 -7.61 18.82 -23.93
C LEU B 169 -8.10 19.25 -22.56
N ALA B 170 -8.85 20.35 -22.52
CA ALA B 170 -9.36 20.92 -21.28
C ALA B 170 -10.85 21.16 -21.39
N GLY B 171 -11.52 21.12 -20.24
CA GLY B 171 -12.96 21.34 -20.20
C GLY B 171 -13.70 20.52 -19.16
N HIS B 172 -13.10 19.42 -18.70
CA HIS B 172 -13.71 18.64 -17.63
C HIS B 172 -13.54 19.36 -16.30
N THR B 173 -14.57 19.26 -15.45
CA THR B 173 -14.56 19.87 -14.12
C THR B 173 -14.27 18.87 -13.02
N GLY B 174 -13.83 17.66 -13.37
CA GLY B 174 -13.47 16.65 -12.39
C GLY B 174 -12.33 15.81 -12.92
N TYR B 175 -11.71 15.06 -12.02
CA TYR B 175 -10.53 14.30 -12.38
C TYR B 175 -10.84 13.32 -13.51
N LEU B 176 -9.82 13.03 -14.31
CA LEU B 176 -9.97 12.13 -15.45
C LEU B 176 -9.78 10.69 -15.00
N SER B 177 -10.73 9.83 -15.36
CA SER B 177 -10.74 8.44 -14.92
C SER B 177 -10.35 7.44 -16.00
N CYS B 178 -10.60 7.75 -17.26
CA CYS B 178 -10.31 6.82 -18.34
C CYS B 178 -10.32 7.57 -19.67
N CYS B 179 -9.64 6.99 -20.65
CA CYS B 179 -9.61 7.54 -22.01
C CYS B 179 -9.31 6.41 -22.98
N ARG B 180 -9.79 6.57 -24.21
CA ARG B 180 -9.57 5.56 -25.25
C ARG B 180 -9.60 6.23 -26.62
N PHE B 181 -8.61 5.89 -27.45
CA PHE B 181 -8.56 6.41 -28.81
C PHE B 181 -9.57 5.69 -29.70
N LEU B 182 -10.23 6.47 -30.56
CA LEU B 182 -11.01 5.90 -31.65
C LEU B 182 -10.17 5.78 -32.91
N ASP B 183 -9.40 6.81 -33.21
CA ASP B 183 -8.43 6.79 -34.30
C ASP B 183 -7.42 7.89 -34.01
N ASP B 184 -6.61 8.26 -35.01
CA ASP B 184 -5.57 9.26 -34.78
C ASP B 184 -6.12 10.61 -34.37
N ASN B 185 -7.41 10.88 -34.60
CA ASN B 185 -7.93 12.23 -34.46
C ASN B 185 -8.87 12.45 -33.29
N GLN B 186 -9.64 11.44 -32.85
CA GLN B 186 -10.61 11.63 -31.79
C GLN B 186 -10.36 10.67 -30.64
N ILE B 187 -10.85 11.06 -29.46
CA ILE B 187 -10.67 10.30 -28.23
C ILE B 187 -11.86 10.56 -27.32
N VAL B 188 -12.25 9.53 -26.57
CA VAL B 188 -13.39 9.61 -25.66
C VAL B 188 -12.90 9.40 -24.24
N THR B 189 -13.39 10.24 -23.32
CA THR B 189 -12.91 10.25 -21.94
C THR B 189 -14.09 10.25 -20.98
N SER B 190 -13.83 9.77 -19.76
CA SER B 190 -14.77 9.83 -18.65
C SER B 190 -14.16 10.62 -17.51
N SER B 191 -15.01 11.20 -16.68
CA SER B 191 -14.56 12.13 -15.65
C SER B 191 -15.31 11.88 -14.35
N GLY B 192 -14.78 12.43 -13.27
CA GLY B 192 -15.41 12.41 -11.97
C GLY B 192 -16.49 13.44 -11.78
N ASP B 193 -16.87 14.17 -12.83
CA ASP B 193 -17.97 15.11 -12.79
C ASP B 193 -19.26 14.51 -13.34
N THR B 194 -19.31 13.20 -13.53
CA THR B 194 -20.50 12.43 -13.92
C THR B 194 -20.81 12.48 -15.41
N THR B 195 -19.91 12.98 -16.25
CA THR B 195 -20.17 13.08 -17.68
C THR B 195 -19.01 12.50 -18.48
N CYS B 196 -19.28 12.20 -19.74
CA CYS B 196 -18.31 11.75 -20.72
C CYS B 196 -18.31 12.70 -21.91
N ALA B 197 -17.22 12.70 -22.67
CA ALA B 197 -17.05 13.66 -23.76
C ALA B 197 -16.35 13.00 -24.93
N LEU B 198 -16.53 13.60 -26.11
CA LEU B 198 -15.84 13.21 -27.33
C LEU B 198 -15.13 14.43 -27.88
N TRP B 199 -13.86 14.27 -28.25
CA TRP B 199 -13.02 15.38 -28.65
C TRP B 199 -12.54 15.22 -30.09
N ASP B 200 -12.16 16.35 -30.69
CA ASP B 200 -11.43 16.39 -31.94
C ASP B 200 -10.03 16.90 -31.62
N ILE B 201 -9.02 16.08 -31.88
CA ILE B 201 -7.67 16.39 -31.41
C ILE B 201 -7.10 17.58 -32.16
N GLU B 202 -7.37 17.68 -33.46
CA GLU B 202 -6.76 18.75 -34.25
C GLU B 202 -7.15 20.13 -33.73
N THR B 203 -8.42 20.32 -33.39
CA THR B 203 -8.90 21.60 -32.87
C THR B 203 -9.05 21.60 -31.35
N GLY B 204 -9.01 20.44 -30.70
CA GLY B 204 -9.12 20.37 -29.26
C GLY B 204 -10.44 20.88 -28.72
N GLN B 205 -11.54 20.46 -29.34
CA GLN B 205 -12.87 20.93 -28.99
C GLN B 205 -13.77 19.74 -28.65
N GLN B 206 -14.71 19.99 -27.74
CA GLN B 206 -15.68 18.98 -27.33
C GLN B 206 -16.78 18.89 -28.38
N THR B 207 -16.90 17.72 -29.01
CA THR B 207 -17.90 17.52 -30.06
C THR B 207 -19.24 17.04 -29.51
N THR B 208 -19.23 16.18 -28.49
CA THR B 208 -20.45 15.66 -27.90
C THR B 208 -20.26 15.52 -26.40
N THR B 209 -21.37 15.50 -25.68
CA THR B 209 -21.37 15.33 -24.23
C THR B 209 -22.45 14.34 -23.84
N PHE B 210 -22.18 13.57 -22.79
CA PHE B 210 -23.07 12.52 -22.30
C PHE B 210 -23.34 12.78 -20.83
N THR B 211 -24.61 12.94 -20.47
CA THR B 211 -25.00 13.56 -19.20
C THR B 211 -26.11 12.76 -18.49
N GLY B 212 -25.91 11.45 -18.36
CA GLY B 212 -26.94 10.61 -17.75
C GLY B 212 -26.68 10.18 -16.32
N HIS B 213 -25.42 9.89 -15.99
CA HIS B 213 -25.09 9.30 -14.70
C HIS B 213 -25.32 10.27 -13.55
N THR B 214 -25.38 9.71 -12.34
CA THR B 214 -25.59 10.48 -11.11
C THR B 214 -24.36 10.55 -10.22
N GLY B 215 -23.45 9.59 -10.33
CA GLY B 215 -22.22 9.61 -9.55
C GLY B 215 -20.98 9.67 -10.42
N ASP B 216 -19.81 9.52 -9.81
CA ASP B 216 -18.57 9.53 -10.57
C ASP B 216 -18.54 8.38 -11.56
N VAL B 217 -18.00 8.64 -12.75
CA VAL B 217 -17.81 7.61 -13.77
C VAL B 217 -16.37 7.11 -13.65
N MET B 218 -16.22 5.78 -13.50
CA MET B 218 -14.94 5.20 -13.12
C MET B 218 -14.28 4.41 -14.25
N SER B 219 -15.01 4.05 -15.31
CA SER B 219 -14.41 3.19 -16.32
C SER B 219 -15.16 3.36 -17.63
N LEU B 220 -14.49 2.99 -18.72
CA LEU B 220 -15.05 3.01 -20.07
C LEU B 220 -14.72 1.70 -20.77
N SER B 221 -15.40 1.46 -21.89
CA SER B 221 -15.11 0.31 -22.73
C SER B 221 -15.76 0.54 -24.09
N LEU B 222 -14.98 0.48 -25.15
CA LEU B 222 -15.47 0.69 -26.50
C LEU B 222 -15.87 -0.64 -27.14
N ALA B 223 -16.92 -0.60 -27.95
CA ALA B 223 -17.34 -1.78 -28.68
C ALA B 223 -16.36 -2.05 -29.82
N PRO B 224 -16.30 -3.31 -30.29
CA PRO B 224 -15.34 -3.63 -31.37
C PRO B 224 -15.50 -2.77 -32.61
N ASP B 225 -16.72 -2.34 -32.92
CA ASP B 225 -16.96 -1.46 -34.06
C ASP B 225 -16.90 0.02 -33.71
N THR B 226 -16.67 0.35 -32.44
CA THR B 226 -16.50 1.73 -31.99
C THR B 226 -17.75 2.58 -32.22
N ARG B 227 -18.92 1.95 -32.32
CA ARG B 227 -20.17 2.68 -32.51
C ARG B 227 -20.96 2.85 -31.22
N LEU B 228 -20.60 2.12 -30.15
CA LEU B 228 -21.21 2.28 -28.85
C LEU B 228 -20.14 2.11 -27.79
N PHE B 229 -20.48 2.47 -26.55
CA PHE B 229 -19.61 2.19 -25.41
C PHE B 229 -20.45 2.22 -24.15
N VAL B 230 -19.94 1.57 -23.10
CA VAL B 230 -20.62 1.48 -21.82
C VAL B 230 -19.74 2.14 -20.76
N SER B 231 -20.36 2.47 -19.63
CA SER B 231 -19.66 3.11 -18.53
C SER B 231 -20.36 2.77 -17.22
N GLY B 232 -19.58 2.59 -16.17
CA GLY B 232 -20.12 2.34 -14.85
C GLY B 232 -19.76 3.48 -13.92
N ALA B 233 -20.67 3.79 -13.00
CA ALA B 233 -20.55 4.98 -12.15
C ALA B 233 -20.63 4.56 -10.69
N CYS B 234 -20.43 5.54 -9.80
CA CYS B 234 -20.48 5.28 -8.37
C CYS B 234 -21.89 4.87 -7.93
N ASP B 235 -22.92 5.50 -8.48
CA ASP B 235 -24.26 4.95 -8.36
C ASP B 235 -24.26 3.58 -9.04
N ALA B 236 -24.82 2.58 -8.37
CA ALA B 236 -24.65 1.21 -8.81
C ALA B 236 -25.45 0.92 -10.08
N SER B 237 -25.07 1.55 -11.19
CA SER B 237 -25.74 1.32 -12.46
C SER B 237 -24.78 1.60 -13.60
N ALA B 238 -25.13 1.06 -14.77
CA ALA B 238 -24.35 1.22 -16.00
C ALA B 238 -25.27 1.59 -17.14
N LYS B 239 -24.73 2.32 -18.13
CA LYS B 239 -25.52 2.86 -19.22
C LYS B 239 -24.82 2.57 -20.55
N LEU B 240 -25.62 2.65 -21.62
CA LEU B 240 -25.16 2.42 -22.98
C LEU B 240 -25.37 3.68 -23.80
N TRP B 241 -24.37 4.06 -24.58
CA TRP B 241 -24.36 5.33 -25.30
C TRP B 241 -24.23 5.10 -26.80
N ASP B 242 -24.78 6.03 -27.56
CA ASP B 242 -24.65 6.08 -29.02
C ASP B 242 -23.70 7.21 -29.37
N VAL B 243 -22.60 6.88 -30.04
CA VAL B 243 -21.53 7.86 -30.23
C VAL B 243 -22.01 9.02 -31.11
N ARG B 244 -22.71 8.72 -32.19
CA ARG B 244 -23.15 9.78 -33.10
C ARG B 244 -24.45 10.42 -32.64
N GLU B 245 -25.42 9.61 -32.21
CA GLU B 245 -26.70 10.17 -31.79
C GLU B 245 -26.56 11.02 -30.54
N GLY B 246 -25.91 10.49 -29.51
CA GLY B 246 -25.54 11.26 -28.35
C GLY B 246 -26.44 11.15 -27.13
N MET B 247 -27.25 10.09 -27.02
CA MET B 247 -28.11 9.91 -25.86
C MET B 247 -28.03 8.47 -25.38
N CYS B 248 -28.38 8.28 -24.10
CA CYS B 248 -28.38 6.96 -23.50
C CYS B 248 -29.54 6.13 -24.02
N ARG B 249 -29.32 4.80 -24.10
CA ARG B 249 -30.32 3.88 -24.61
C ARG B 249 -30.77 2.83 -23.62
N GLN B 250 -29.98 2.52 -22.59
CA GLN B 250 -30.33 1.49 -21.63
C GLN B 250 -29.68 1.81 -20.29
N THR B 251 -30.20 1.19 -19.24
CA THR B 251 -29.65 1.31 -17.90
C THR B 251 -29.81 -0.01 -17.17
N PHE B 252 -28.79 -0.37 -16.39
CA PHE B 252 -28.73 -1.66 -15.70
C PHE B 252 -28.48 -1.41 -14.22
N THR B 253 -29.28 -2.03 -13.37
CA THR B 253 -29.32 -1.68 -11.94
C THR B 253 -29.27 -2.92 -11.06
N GLY B 254 -28.34 -3.82 -11.33
CA GLY B 254 -28.24 -5.06 -10.57
C GLY B 254 -27.38 -4.96 -9.33
N HIS B 255 -26.28 -4.23 -9.40
CA HIS B 255 -25.30 -4.20 -8.33
C HIS B 255 -25.84 -3.44 -7.11
N GLU B 256 -25.09 -3.50 -6.01
CA GLU B 256 -25.47 -2.90 -4.75
C GLU B 256 -24.58 -1.74 -4.32
N SER B 257 -23.42 -1.55 -4.96
CA SER B 257 -22.47 -0.53 -4.55
C SER B 257 -21.74 -0.01 -5.78
N ASP B 258 -20.67 0.73 -5.55
CA ASP B 258 -19.94 1.37 -6.64
C ASP B 258 -19.38 0.34 -7.62
N ILE B 259 -19.45 0.68 -8.90
CA ILE B 259 -18.88 -0.14 -9.97
C ILE B 259 -17.50 0.41 -10.30
N ASN B 260 -16.49 -0.46 -10.30
CA ASN B 260 -15.11 -0.04 -10.44
C ASN B 260 -14.47 -0.42 -11.77
N ALA B 261 -15.03 -1.38 -12.51
CA ALA B 261 -14.43 -1.85 -13.74
C ALA B 261 -15.50 -2.38 -14.67
N ILE B 262 -15.27 -2.26 -15.97
CA ILE B 262 -16.21 -2.70 -16.99
C ILE B 262 -15.44 -3.13 -18.22
N CYS B 263 -15.98 -4.09 -18.96
CA CYS B 263 -15.30 -4.65 -20.11
C CYS B 263 -16.31 -5.29 -21.05
N PHE B 264 -16.17 -5.02 -22.34
CA PHE B 264 -17.07 -5.60 -23.33
C PHE B 264 -16.70 -7.05 -23.65
N PHE B 265 -17.71 -7.82 -24.02
CA PHE B 265 -17.53 -9.18 -24.46
C PHE B 265 -17.00 -9.20 -25.91
N PRO B 266 -16.22 -10.21 -26.29
CA PRO B 266 -15.62 -10.20 -27.63
C PRO B 266 -16.61 -9.99 -28.77
N ASN B 267 -17.81 -10.56 -28.70
CA ASN B 267 -18.76 -10.41 -29.80
C ASN B 267 -19.55 -9.11 -29.74
N GLY B 268 -19.46 -8.36 -28.65
CA GLY B 268 -20.09 -7.05 -28.58
C GLY B 268 -21.57 -7.07 -28.30
N ASN B 269 -22.07 -8.07 -27.57
CA ASN B 269 -23.48 -8.15 -27.21
C ASN B 269 -23.66 -8.42 -25.72
N ALA B 270 -22.68 -8.03 -24.91
CA ALA B 270 -22.74 -8.22 -23.46
C ALA B 270 -21.49 -7.57 -22.86
N PHE B 271 -21.48 -7.48 -21.53
CA PHE B 271 -20.35 -6.90 -20.82
C PHE B 271 -20.40 -7.36 -19.38
N ALA B 272 -19.32 -7.07 -18.65
CA ALA B 272 -19.17 -7.48 -17.25
C ALA B 272 -18.69 -6.29 -16.43
N THR B 273 -19.00 -6.33 -15.12
CA THR B 273 -18.69 -5.25 -14.20
C THR B 273 -18.09 -5.81 -12.93
N GLY B 274 -17.32 -4.98 -12.24
CA GLY B 274 -16.78 -5.31 -10.93
C GLY B 274 -17.13 -4.23 -9.93
N SER B 275 -17.54 -4.64 -8.74
CA SER B 275 -18.15 -3.73 -7.78
C SER B 275 -17.49 -3.87 -6.42
N ASP B 276 -17.81 -2.91 -5.54
CA ASP B 276 -17.32 -2.92 -4.17
C ASP B 276 -18.09 -3.88 -3.27
N ASP B 277 -19.21 -4.44 -3.74
CA ASP B 277 -19.95 -5.44 -2.98
C ASP B 277 -19.36 -6.85 -3.15
N ALA B 278 -18.18 -6.97 -3.75
CA ALA B 278 -17.38 -8.18 -3.80
C ALA B 278 -17.87 -9.20 -4.84
N THR B 279 -18.67 -8.80 -5.81
CA THR B 279 -19.16 -9.72 -6.83
C THR B 279 -18.97 -9.13 -8.21
N CYS B 280 -19.08 -10.00 -9.21
CA CYS B 280 -19.10 -9.61 -10.62
C CYS B 280 -20.41 -10.09 -11.22
N ARG B 281 -20.85 -9.41 -12.28
CA ARG B 281 -22.08 -9.78 -12.95
C ARG B 281 -21.94 -9.56 -14.45
N LEU B 282 -22.68 -10.36 -15.22
CA LEU B 282 -22.68 -10.30 -16.66
C LEU B 282 -24.06 -9.85 -17.14
N PHE B 283 -24.08 -8.86 -18.03
CA PHE B 283 -25.32 -8.27 -18.50
C PHE B 283 -25.54 -8.60 -19.97
N ASP B 284 -26.75 -8.31 -20.44
CA ASP B 284 -27.25 -8.77 -21.73
C ASP B 284 -27.92 -7.61 -22.44
N LEU B 285 -27.30 -7.13 -23.53
CA LEU B 285 -27.86 -5.99 -24.24
C LEU B 285 -29.24 -6.31 -24.82
N ARG B 286 -29.35 -7.43 -25.54
CA ARG B 286 -30.64 -7.76 -26.17
C ARG B 286 -31.71 -8.03 -25.12
N ALA B 287 -31.37 -8.78 -24.07
CA ALA B 287 -32.34 -9.13 -23.06
C ALA B 287 -32.52 -8.03 -22.01
N ASP B 288 -31.63 -7.05 -21.96
CA ASP B 288 -31.73 -5.91 -21.05
C ASP B 288 -31.66 -6.35 -19.59
N GLN B 289 -31.15 -7.55 -19.32
CA GLN B 289 -31.26 -8.18 -18.02
C GLN B 289 -29.90 -8.70 -17.55
N GLU B 290 -29.73 -8.75 -16.23
CA GLU B 290 -28.58 -9.40 -15.63
C GLU B 290 -28.83 -10.90 -15.55
N LEU B 291 -27.80 -11.69 -15.86
CA LEU B 291 -27.99 -13.13 -15.93
C LEU B 291 -26.83 -13.94 -15.35
N MET B 292 -26.03 -13.39 -14.45
CA MET B 292 -24.97 -14.19 -13.82
C MET B 292 -24.31 -13.38 -12.72
N THR B 293 -23.86 -14.08 -11.69
CA THR B 293 -23.14 -13.49 -10.56
C THR B 293 -21.99 -14.40 -10.16
N TYR B 294 -20.85 -13.78 -9.85
CA TYR B 294 -19.63 -14.50 -9.46
C TYR B 294 -19.27 -14.08 -8.04
N SER B 295 -19.54 -14.94 -7.06
CA SER B 295 -19.28 -14.61 -5.67
C SER B 295 -18.92 -15.88 -4.90
N HIS B 296 -18.26 -15.67 -3.76
CA HIS B 296 -17.93 -16.75 -2.84
C HIS B 296 -18.11 -16.24 -1.41
N ASP B 297 -18.47 -17.16 -0.52
CA ASP B 297 -18.77 -16.77 0.86
C ASP B 297 -17.54 -16.20 1.56
N ASN B 298 -16.37 -16.80 1.34
CA ASN B 298 -15.16 -16.39 2.03
C ASN B 298 -14.48 -15.19 1.39
N ILE B 299 -15.00 -14.68 0.28
CA ILE B 299 -14.46 -13.48 -0.36
C ILE B 299 -15.22 -12.28 0.18
N ILE B 300 -14.49 -11.31 0.72
CA ILE B 300 -15.10 -10.16 1.38
C ILE B 300 -14.67 -8.83 0.79
N CYS B 301 -13.62 -8.78 -0.03
CA CYS B 301 -13.12 -7.54 -0.58
C CYS B 301 -13.77 -7.24 -1.93
N GLY B 302 -13.37 -6.13 -2.55
CA GLY B 302 -13.94 -5.68 -3.80
C GLY B 302 -13.08 -5.98 -5.01
N ILE B 303 -13.65 -5.73 -6.19
CA ILE B 303 -12.98 -5.94 -7.46
C ILE B 303 -12.40 -4.63 -7.95
N THR B 304 -11.23 -4.70 -8.56
CA THR B 304 -10.54 -3.51 -9.07
C THR B 304 -10.40 -3.50 -10.59
N SER B 305 -10.31 -4.65 -11.23
CA SER B 305 -10.18 -4.72 -12.68
C SER B 305 -10.76 -6.04 -13.18
N VAL B 306 -11.18 -6.04 -14.45
CA VAL B 306 -11.70 -7.23 -15.09
C VAL B 306 -11.23 -7.25 -16.54
N SER B 307 -11.23 -8.43 -17.14
CA SER B 307 -10.85 -8.59 -18.54
C SER B 307 -11.25 -9.98 -19.01
N PHE B 308 -11.57 -10.09 -20.29
CA PHE B 308 -11.90 -11.35 -20.92
C PHE B 308 -10.71 -11.91 -21.69
N SER B 309 -10.70 -13.22 -21.87
CA SER B 309 -9.71 -13.87 -22.71
C SER B 309 -10.09 -13.65 -24.18
N LYS B 310 -9.36 -14.28 -25.10
CA LYS B 310 -9.61 -14.03 -26.52
C LYS B 310 -10.97 -14.58 -26.95
N SER B 311 -11.36 -15.74 -26.44
CA SER B 311 -12.61 -16.38 -26.85
C SER B 311 -13.78 -16.03 -25.95
N GLY B 312 -13.53 -15.58 -24.72
CA GLY B 312 -14.59 -15.22 -23.81
C GLY B 312 -15.04 -16.31 -22.86
N ARG B 313 -14.28 -17.40 -22.73
CA ARG B 313 -14.61 -18.46 -21.80
C ARG B 313 -14.03 -18.24 -20.41
N LEU B 314 -13.14 -17.26 -20.25
CA LEU B 314 -12.51 -16.98 -18.97
C LEU B 314 -12.73 -15.53 -18.60
N LEU B 315 -12.65 -15.26 -17.29
CA LEU B 315 -12.92 -13.94 -16.74
C LEU B 315 -11.92 -13.70 -15.62
N LEU B 316 -11.01 -12.75 -15.82
CA LEU B 316 -9.93 -12.48 -14.89
C LEU B 316 -10.24 -11.20 -14.13
N ALA B 317 -10.10 -11.25 -12.80
CA ALA B 317 -10.44 -10.12 -11.95
C ALA B 317 -9.38 -9.93 -10.88
N GLY B 318 -8.97 -8.69 -10.67
CA GLY B 318 -8.06 -8.34 -9.60
C GLY B 318 -8.84 -7.90 -8.38
N TYR B 319 -8.26 -8.12 -7.20
CA TYR B 319 -8.94 -7.91 -5.93
C TYR B 319 -8.14 -7.00 -5.04
N ASP B 320 -8.82 -6.41 -4.06
CA ASP B 320 -8.14 -5.56 -3.09
C ASP B 320 -7.11 -6.36 -2.30
N ASP B 321 -7.45 -7.59 -1.91
CA ASP B 321 -6.43 -8.52 -1.48
C ASP B 321 -5.53 -8.83 -2.67
N PHE B 322 -4.30 -9.24 -2.41
CA PHE B 322 -3.25 -9.09 -3.40
C PHE B 322 -3.28 -10.20 -4.45
N ASN B 323 -4.41 -10.88 -4.60
CA ASN B 323 -4.54 -12.02 -5.49
C ASN B 323 -5.32 -11.62 -6.75
N CYS B 324 -5.53 -12.60 -7.62
CA CYS B 324 -6.30 -12.42 -8.85
C CYS B 324 -6.92 -13.76 -9.20
N ASN B 325 -8.24 -13.79 -9.39
CA ASN B 325 -8.99 -15.03 -9.53
C ASN B 325 -9.44 -15.20 -10.98
N VAL B 326 -9.35 -16.43 -11.48
CA VAL B 326 -9.82 -16.79 -12.80
C VAL B 326 -11.16 -17.50 -12.64
N TRP B 327 -12.21 -16.90 -13.20
CA TRP B 327 -13.56 -17.42 -13.09
C TRP B 327 -13.94 -18.18 -14.35
N ASP B 328 -15.04 -18.93 -14.25
CA ASP B 328 -15.63 -19.63 -15.38
C ASP B 328 -16.88 -18.87 -15.79
N ALA B 329 -16.82 -18.16 -16.91
CA ALA B 329 -17.90 -17.25 -17.29
C ALA B 329 -19.18 -17.98 -17.66
N LEU B 330 -19.15 -19.30 -17.83
CA LEU B 330 -20.33 -20.09 -18.16
C LEU B 330 -20.83 -20.93 -16.99
N LYS B 331 -19.93 -21.58 -16.25
CA LYS B 331 -20.32 -22.35 -15.09
C LYS B 331 -20.36 -21.51 -13.81
N ALA B 332 -19.55 -20.46 -13.73
CA ALA B 332 -19.48 -19.53 -12.61
C ALA B 332 -18.67 -20.05 -11.44
N ASP B 333 -17.98 -21.18 -11.58
CA ASP B 333 -17.11 -21.71 -10.54
C ASP B 333 -15.67 -21.31 -10.82
N ARG B 334 -14.92 -21.09 -9.75
CA ARG B 334 -13.54 -20.66 -9.89
C ARG B 334 -12.70 -21.74 -10.57
N ALA B 335 -11.65 -21.30 -11.27
CA ALA B 335 -10.78 -22.20 -12.00
C ALA B 335 -9.30 -22.07 -11.63
N GLY B 336 -8.89 -20.96 -11.04
CA GLY B 336 -7.48 -20.79 -10.72
C GLY B 336 -7.24 -19.52 -9.93
N VAL B 337 -5.96 -19.21 -9.76
CA VAL B 337 -5.52 -18.04 -9.01
C VAL B 337 -4.20 -17.56 -9.59
N LEU B 338 -3.88 -16.29 -9.36
CA LEU B 338 -2.59 -15.71 -9.73
C LEU B 338 -2.06 -14.95 -8.52
N ALA B 339 -1.17 -15.60 -7.77
CA ALA B 339 -0.56 -15.02 -6.59
C ALA B 339 0.90 -14.68 -6.86
N GLY B 340 1.41 -13.69 -6.15
CA GLY B 340 2.79 -13.27 -6.33
C GLY B 340 3.03 -11.79 -6.17
N HIS B 341 1.96 -11.00 -6.15
CA HIS B 341 2.07 -9.57 -5.87
C HIS B 341 1.98 -9.33 -4.37
N ASP B 342 2.71 -8.32 -3.90
CA ASP B 342 2.80 -8.01 -2.47
C ASP B 342 1.91 -6.85 -2.06
N ASN B 343 1.02 -6.40 -2.93
CA ASN B 343 0.12 -5.30 -2.60
C ASN B 343 -1.09 -5.35 -3.54
N ARG B 344 -1.93 -4.34 -3.43
CA ARG B 344 -3.20 -4.31 -4.16
C ARG B 344 -2.96 -4.37 -5.66
N VAL B 345 -3.73 -5.23 -6.34
CA VAL B 345 -3.67 -5.34 -7.79
C VAL B 345 -4.53 -4.23 -8.39
N SER B 346 -3.92 -3.35 -9.18
CA SER B 346 -4.56 -2.14 -9.66
C SER B 346 -5.03 -2.22 -11.11
N CYS B 347 -4.22 -2.77 -12.01
CA CYS B 347 -4.55 -2.82 -13.43
C CYS B 347 -4.39 -4.24 -13.94
N LEU B 348 -4.84 -4.43 -15.18
CA LEU B 348 -4.94 -5.77 -15.76
C LEU B 348 -5.17 -5.62 -17.26
N GLY B 349 -4.52 -6.45 -18.06
CA GLY B 349 -4.67 -6.38 -19.50
C GLY B 349 -4.33 -7.69 -20.16
N VAL B 350 -4.84 -7.84 -21.39
CA VAL B 350 -4.64 -9.05 -22.18
C VAL B 350 -4.27 -8.64 -23.61
N THR B 351 -3.42 -9.45 -24.24
CA THR B 351 -2.95 -9.14 -25.58
C THR B 351 -4.05 -9.35 -26.61
N ASP B 352 -3.91 -8.65 -27.75
CA ASP B 352 -4.89 -8.80 -28.82
C ASP B 352 -4.89 -10.21 -29.38
N ASP B 353 -3.76 -10.91 -29.33
CA ASP B 353 -3.65 -12.28 -29.82
C ASP B 353 -3.84 -13.32 -28.72
N GLY B 354 -4.15 -12.89 -27.50
CA GLY B 354 -4.40 -13.82 -26.42
C GLY B 354 -3.21 -14.68 -26.06
N MET B 355 -2.01 -14.09 -26.05
CA MET B 355 -0.79 -14.82 -25.77
C MET B 355 -0.25 -14.60 -24.37
N ALA B 356 -0.57 -13.46 -23.74
CA ALA B 356 -0.03 -13.17 -22.42
C ALA B 356 -0.99 -12.25 -21.68
N VAL B 357 -0.82 -12.23 -20.36
CA VAL B 357 -1.61 -11.38 -19.46
C VAL B 357 -0.62 -10.56 -18.65
N ALA B 358 -0.87 -9.26 -18.55
CA ALA B 358 -0.05 -8.35 -17.77
C ALA B 358 -0.86 -7.82 -16.60
N THR B 359 -0.23 -7.74 -15.43
CA THR B 359 -0.85 -7.18 -14.25
C THR B 359 0.12 -6.25 -13.55
N GLY B 360 -0.35 -5.05 -13.20
CA GLY B 360 0.40 -4.15 -12.36
C GLY B 360 -0.14 -4.17 -10.95
N SER B 361 0.62 -3.55 -10.04
CA SER B 361 0.27 -3.62 -8.63
C SER B 361 0.85 -2.40 -7.92
N TRP B 362 0.38 -2.20 -6.68
CA TRP B 362 0.84 -1.10 -5.85
C TRP B 362 2.23 -1.35 -5.28
N ASP B 363 2.79 -2.54 -5.48
CA ASP B 363 4.17 -2.82 -5.11
C ASP B 363 5.17 -2.34 -6.16
N SER B 364 4.70 -1.72 -7.24
CA SER B 364 5.52 -1.05 -8.24
C SER B 364 6.19 -2.02 -9.22
N PHE B 365 5.69 -3.24 -9.36
CA PHE B 365 6.21 -4.18 -10.32
C PHE B 365 5.11 -4.57 -11.31
N LEU B 366 5.53 -4.91 -12.52
CA LEU B 366 4.62 -5.25 -13.61
C LEU B 366 5.01 -6.64 -14.12
N LYS B 367 4.20 -7.64 -13.81
CA LYS B 367 4.51 -9.03 -14.12
C LYS B 367 3.72 -9.49 -15.33
N ILE B 368 4.31 -10.45 -16.06
CA ILE B 368 3.68 -11.07 -17.21
C ILE B 368 3.55 -12.57 -16.91
N TRP B 369 2.36 -13.10 -17.13
CA TRP B 369 2.03 -14.48 -16.74
C TRP B 369 1.71 -15.31 -17.97
N ASN B 370 2.28 -16.50 -18.04
CA ASN B 370 2.02 -17.44 -19.11
C ASN B 370 2.48 -16.91 -20.46
N ASN C 5 -37.15 25.21 -6.91
CA ASN C 5 -38.34 24.34 -7.13
C ASN C 5 -38.48 23.97 -8.60
N THR C 6 -38.30 24.95 -9.49
CA THR C 6 -38.43 24.69 -10.91
C THR C 6 -37.38 23.71 -11.40
N ALA C 7 -36.16 23.76 -10.82
CA ALA C 7 -35.11 22.84 -11.24
C ALA C 7 -35.50 21.41 -10.94
N SER C 8 -36.11 21.15 -9.79
CA SER C 8 -36.54 19.80 -9.47
C SER C 8 -37.59 19.32 -10.45
N ILE C 9 -38.55 20.18 -10.82
CA ILE C 9 -39.58 19.81 -11.78
C ILE C 9 -38.95 19.49 -13.13
N ALA C 10 -38.00 20.32 -13.57
CA ALA C 10 -37.34 20.07 -14.84
C ALA C 10 -36.59 18.74 -14.82
N GLN C 11 -35.87 18.46 -13.72
CA GLN C 11 -35.17 17.19 -13.60
C GLN C 11 -36.14 16.02 -13.64
N ALA C 12 -37.27 16.13 -12.94
CA ALA C 12 -38.26 15.06 -12.95
C ALA C 12 -38.82 14.85 -14.34
N ARG C 13 -39.10 15.93 -15.06
CA ARG C 13 -39.61 15.79 -16.42
C ARG C 13 -38.59 15.11 -17.34
N LYS C 14 -37.32 15.50 -17.22
CA LYS C 14 -36.29 14.87 -18.03
C LYS C 14 -36.16 13.39 -17.70
N LEU C 15 -36.21 13.05 -16.41
CA LEU C 15 -36.14 11.65 -16.01
C LEU C 15 -37.32 10.86 -16.55
N VAL C 16 -38.52 11.44 -16.50
CA VAL C 16 -39.69 10.75 -17.03
C VAL C 16 -39.55 10.55 -18.54
N GLU C 17 -39.05 11.55 -19.25
CA GLU C 17 -38.84 11.40 -20.68
C GLU C 17 -37.84 10.30 -20.99
N GLN C 18 -36.74 10.23 -20.22
CA GLN C 18 -35.77 9.18 -20.42
C GLN C 18 -36.38 7.81 -20.15
N LEU C 19 -37.17 7.69 -19.08
CA LEU C 19 -37.83 6.42 -18.79
C LEU C 19 -38.76 6.01 -19.91
N LYS C 20 -39.54 6.97 -20.43
CA LYS C 20 -40.46 6.66 -21.53
C LYS C 20 -39.70 6.21 -22.76
N MET C 21 -38.59 6.88 -23.09
CA MET C 21 -37.79 6.48 -24.23
C MET C 21 -37.21 5.08 -24.04
N GLU C 22 -36.74 4.77 -22.84
CA GLU C 22 -36.12 3.47 -22.58
C GLU C 22 -37.13 2.34 -22.45
N ALA C 23 -38.40 2.66 -22.17
CA ALA C 23 -39.41 1.61 -21.98
C ALA C 23 -40.06 1.15 -23.27
N ASN C 24 -39.67 1.70 -24.42
CA ASN C 24 -40.28 1.35 -25.70
C ASN C 24 -39.37 0.49 -26.58
N ILE C 25 -38.36 -0.15 -26.00
CA ILE C 25 -37.40 -0.94 -26.76
C ILE C 25 -37.85 -2.39 -26.80
N ASP C 26 -37.64 -3.05 -27.93
CA ASP C 26 -38.05 -4.44 -28.09
C ASP C 26 -36.94 -5.38 -27.64
N ARG C 27 -37.28 -6.32 -26.78
CA ARG C 27 -36.34 -7.24 -26.15
C ARG C 27 -36.49 -8.64 -26.73
N ILE C 28 -35.75 -9.58 -26.16
CA ILE C 28 -35.83 -10.99 -26.53
C ILE C 28 -35.65 -11.82 -25.27
N LYS C 29 -36.16 -13.05 -25.30
CA LYS C 29 -36.06 -13.93 -24.14
C LYS C 29 -34.61 -14.32 -23.88
N VAL C 30 -34.32 -14.63 -22.61
CA VAL C 30 -32.94 -14.92 -22.19
C VAL C 30 -32.40 -16.15 -22.89
N SER C 31 -33.27 -17.08 -23.29
CA SER C 31 -32.80 -18.34 -23.88
C SER C 31 -31.99 -18.09 -25.15
N LYS C 32 -32.46 -17.18 -26.00
CA LYS C 32 -31.74 -16.88 -27.24
C LYS C 32 -30.34 -16.33 -26.94
N ALA C 33 -30.25 -15.40 -25.98
CA ALA C 33 -28.97 -14.81 -25.65
C ALA C 33 -28.01 -15.85 -25.07
N ALA C 34 -28.52 -16.70 -24.18
CA ALA C 34 -27.67 -17.75 -23.62
C ALA C 34 -27.17 -18.69 -24.70
N ALA C 35 -28.06 -19.08 -25.62
CA ALA C 35 -27.65 -19.95 -26.72
C ALA C 35 -26.58 -19.28 -27.59
N ASP C 36 -26.76 -18.00 -27.89
CA ASP C 36 -25.79 -17.31 -28.73
C ASP C 36 -24.43 -17.20 -28.05
N LEU C 37 -24.41 -16.86 -26.76
CA LEU C 37 -23.13 -16.77 -26.06
C LEU C 37 -22.46 -18.13 -25.97
N MET C 38 -23.23 -19.19 -25.68
CA MET C 38 -22.66 -20.53 -25.64
C MET C 38 -22.06 -20.90 -26.99
N ALA C 39 -22.80 -20.65 -28.07
CA ALA C 39 -22.32 -21.00 -29.40
C ALA C 39 -21.05 -20.23 -29.74
N TYR C 40 -21.01 -18.94 -29.41
CA TYR C 40 -19.81 -18.16 -29.71
C TYR C 40 -18.61 -18.67 -28.94
N CYS C 41 -18.76 -18.85 -27.62
CA CYS C 41 -17.63 -19.32 -26.82
C CYS C 41 -17.16 -20.69 -27.26
N GLU C 42 -18.07 -21.52 -27.78
CA GLU C 42 -17.67 -22.84 -28.26
C GLU C 42 -16.94 -22.73 -29.61
N ALA C 43 -17.41 -21.85 -30.49
CA ALA C 43 -16.90 -21.81 -31.86
C ALA C 43 -15.50 -21.21 -31.95
N HIS C 44 -15.01 -20.55 -30.90
CA HIS C 44 -13.70 -19.93 -30.91
C HIS C 44 -12.81 -20.49 -29.80
N ALA C 45 -12.99 -21.76 -29.47
CA ALA C 45 -12.23 -22.38 -28.39
C ALA C 45 -10.79 -22.68 -28.77
N LYS C 46 -10.52 -22.91 -30.05
CA LYS C 46 -9.21 -23.36 -30.51
C LYS C 46 -8.21 -22.23 -30.69
N GLU C 47 -8.63 -20.98 -30.49
CA GLU C 47 -7.76 -19.82 -30.68
C GLU C 47 -7.42 -19.14 -29.36
N ASP C 48 -7.45 -19.87 -28.26
CA ASP C 48 -7.20 -19.31 -26.94
C ASP C 48 -6.00 -20.01 -26.30
N PRO C 49 -4.79 -19.47 -26.43
CA PRO C 49 -3.64 -20.10 -25.77
C PRO C 49 -3.78 -20.20 -24.26
N LEU C 50 -4.48 -19.27 -23.61
CA LEU C 50 -4.63 -19.33 -22.16
C LEU C 50 -5.50 -20.51 -21.73
N LEU C 51 -6.31 -21.06 -22.63
CA LEU C 51 -7.05 -22.28 -22.34
C LEU C 51 -6.18 -23.51 -22.57
N THR C 52 -5.70 -23.68 -23.81
CA THR C 52 -4.83 -24.80 -24.15
C THR C 52 -3.39 -24.36 -24.07
N PRO C 53 -2.56 -24.93 -23.19
CA PRO C 53 -1.19 -24.45 -23.06
C PRO C 53 -0.43 -24.53 -24.38
N VAL C 54 0.43 -23.54 -24.62
CA VAL C 54 1.20 -23.44 -25.84
C VAL C 54 2.56 -24.10 -25.61
N PRO C 55 3.05 -24.95 -26.53
CA PRO C 55 4.34 -25.59 -26.31
C PRO C 55 5.47 -24.57 -26.23
N ALA C 56 6.53 -24.94 -25.51
CA ALA C 56 7.62 -24.00 -25.25
C ALA C 56 8.21 -23.46 -26.53
N SER C 57 8.20 -24.23 -27.60
CA SER C 57 8.77 -23.75 -28.87
C SER C 57 7.97 -22.57 -29.41
N GLU C 58 6.64 -22.62 -29.33
CA GLU C 58 5.78 -21.62 -29.92
C GLU C 58 5.52 -20.44 -28.99
N ASN C 59 6.06 -20.45 -27.78
CA ASN C 59 5.82 -19.36 -26.84
C ASN C 59 6.72 -18.18 -27.17
N PRO C 60 6.18 -17.00 -27.46
CA PRO C 60 7.04 -15.83 -27.63
C PRO C 60 7.84 -15.50 -26.38
N PHE C 61 7.29 -15.75 -25.20
CA PHE C 61 7.99 -15.58 -23.95
C PHE C 61 8.69 -16.88 -23.57
N ARG C 62 9.19 -16.96 -22.34
CA ARG C 62 9.88 -18.15 -21.88
C ARG C 62 11.18 -18.37 -22.65
N GLN D 1 -31.53 -2.60 -7.55
CA GLN D 1 -32.09 -1.22 -7.50
C GLN D 1 -32.28 -0.79 -6.05
N VAL D 2 -31.30 -0.07 -5.52
CA VAL D 2 -31.35 0.37 -4.14
C VAL D 2 -32.42 1.44 -3.99
N GLN D 3 -33.33 1.24 -3.03
CA GLN D 3 -34.38 2.21 -2.76
C GLN D 3 -34.72 2.18 -1.27
N LEU D 4 -35.01 3.34 -0.71
CA LEU D 4 -35.42 3.47 0.68
C LEU D 4 -36.66 4.36 0.74
N GLN D 5 -37.66 3.94 1.51
CA GLN D 5 -38.94 4.64 1.59
C GLN D 5 -39.23 4.97 3.05
N GLU D 6 -39.45 6.25 3.33
CA GLU D 6 -39.75 6.72 4.68
C GLU D 6 -41.26 6.83 4.87
N SER D 7 -41.66 6.86 6.14
CA SER D 7 -43.07 6.98 6.51
C SER D 7 -43.17 7.70 7.83
N GLY D 8 -44.39 8.09 8.18
CA GLY D 8 -44.63 8.83 9.40
C GLY D 8 -44.42 10.32 9.22
N GLY D 9 -44.53 11.04 10.33
CA GLY D 9 -44.37 12.48 10.32
C GLY D 9 -45.68 13.20 10.11
N GLY D 10 -45.60 14.53 10.24
CA GLY D 10 -46.77 15.37 10.12
C GLY D 10 -46.72 16.57 11.04
N LEU D 11 -47.88 17.02 11.50
CA LEU D 11 -47.99 18.15 12.41
C LEU D 11 -48.08 17.65 13.85
N VAL D 12 -47.38 18.33 14.75
CA VAL D 12 -47.33 17.93 16.15
C VAL D 12 -47.10 19.17 17.00
N GLN D 13 -47.74 19.21 18.17
CA GLN D 13 -47.52 20.30 19.11
C GLN D 13 -46.16 20.14 19.78
N PRO D 14 -45.57 21.23 20.27
CA PRO D 14 -44.31 21.10 21.01
C PRO D 14 -44.47 20.16 22.20
N GLY D 15 -43.47 19.32 22.40
CA GLY D 15 -43.57 18.28 23.40
C GLY D 15 -44.33 17.05 22.96
N GLY D 16 -44.56 16.88 21.67
CA GLY D 16 -45.32 15.77 21.14
C GLY D 16 -44.45 14.54 20.90
N SER D 17 -44.96 13.65 20.06
CA SER D 17 -44.28 12.39 19.80
C SER D 17 -44.69 11.85 18.44
N LEU D 18 -43.74 11.21 17.76
CA LEU D 18 -43.97 10.55 16.48
C LEU D 18 -42.98 9.40 16.35
N ARG D 19 -43.26 8.50 15.40
CA ARG D 19 -42.38 7.39 15.10
C ARG D 19 -42.14 7.35 13.60
N LEU D 20 -40.87 7.43 13.20
CA LEU D 20 -40.48 7.39 11.80
C LEU D 20 -40.07 5.98 11.43
N SER D 21 -40.49 5.54 10.24
CA SER D 21 -40.17 4.21 9.75
C SER D 21 -39.56 4.34 8.36
N CYS D 22 -38.59 3.47 8.07
CA CYS D 22 -37.84 3.51 6.82
C CYS D 22 -37.69 2.07 6.33
N ALA D 23 -38.37 1.74 5.23
CA ALA D 23 -38.36 0.40 4.67
C ALA D 23 -37.33 0.31 3.56
N ALA D 24 -36.45 -0.68 3.65
CA ALA D 24 -35.34 -0.84 2.73
C ALA D 24 -35.51 -2.12 1.90
N SER D 25 -35.12 -2.04 0.63
CA SER D 25 -35.13 -3.21 -0.23
C SER D 25 -34.01 -3.09 -1.26
N GLY D 26 -33.56 -4.23 -1.75
CA GLY D 26 -32.57 -4.29 -2.80
C GLY D 26 -31.14 -4.56 -2.34
N PHE D 27 -30.92 -4.81 -1.06
CA PHE D 27 -29.59 -5.13 -0.57
C PHE D 27 -29.72 -5.88 0.75
N THR D 28 -28.60 -6.47 1.19
CA THR D 28 -28.56 -7.18 2.46
C THR D 28 -28.54 -6.17 3.60
N PHE D 29 -29.63 -6.13 4.36
CA PHE D 29 -29.79 -5.09 5.37
C PHE D 29 -28.75 -5.17 6.48
N SER D 30 -28.35 -6.39 6.85
CA SER D 30 -27.49 -6.58 8.03
C SER D 30 -26.02 -6.30 7.74
N ASN D 31 -25.62 -6.24 6.48
CA ASN D 31 -24.20 -6.03 6.16
C ASN D 31 -23.77 -4.58 6.35
N TYR D 32 -24.67 -3.63 6.14
CA TYR D 32 -24.36 -2.22 6.21
C TYR D 32 -24.83 -1.61 7.53
N LYS D 33 -24.36 -0.40 7.81
CA LYS D 33 -24.86 0.40 8.91
C LYS D 33 -25.69 1.55 8.35
N MET D 34 -26.53 2.12 9.21
CA MET D 34 -27.53 3.09 8.79
C MET D 34 -27.38 4.38 9.58
N ASN D 35 -27.91 5.46 9.01
CA ASN D 35 -27.81 6.79 9.60
C ASN D 35 -29.16 7.49 9.48
N TRP D 36 -29.28 8.62 10.18
CA TRP D 36 -30.38 9.56 10.01
C TRP D 36 -29.79 10.93 9.68
N VAL D 37 -30.36 11.60 8.70
CA VAL D 37 -29.89 12.90 8.25
C VAL D 37 -31.10 13.76 7.92
N ARG D 38 -31.05 15.04 8.33
CA ARG D 38 -32.17 15.96 8.14
C ARG D 38 -31.66 17.29 7.59
N GLN D 39 -32.55 17.98 6.88
CA GLN D 39 -32.25 19.27 6.25
C GLN D 39 -33.33 20.27 6.64
N ALA D 40 -33.02 21.14 7.61
CA ALA D 40 -33.95 22.16 8.04
C ALA D 40 -34.02 23.30 7.03
N PRO D 41 -35.06 24.12 7.09
CA PRO D 41 -35.19 25.21 6.13
C PRO D 41 -33.96 26.11 6.10
N GLY D 42 -33.50 26.42 4.90
CA GLY D 42 -32.33 27.28 4.74
C GLY D 42 -31.07 26.74 5.36
N LYS D 43 -30.90 25.42 5.35
CA LYS D 43 -29.74 24.77 5.96
C LYS D 43 -29.26 23.64 5.05
N GLY D 44 -28.04 23.17 5.30
CA GLY D 44 -27.51 22.01 4.64
C GLY D 44 -27.83 20.72 5.39
N LEU D 45 -27.40 19.61 4.81
CA LEU D 45 -27.64 18.31 5.42
C LEU D 45 -26.91 18.21 6.75
N GLU D 46 -27.54 17.52 7.70
CA GLU D 46 -27.03 17.42 9.07
C GLU D 46 -27.18 16.00 9.57
N TRP D 47 -26.11 15.45 10.13
CA TRP D 47 -26.10 14.09 10.63
C TRP D 47 -26.70 14.04 12.02
N VAL D 48 -27.59 13.07 12.25
CA VAL D 48 -28.33 12.94 13.51
C VAL D 48 -27.85 11.72 14.31
N SER D 49 -28.01 10.53 13.75
CA SER D 49 -27.75 9.31 14.50
C SER D 49 -27.31 8.20 13.56
N ASP D 50 -26.66 7.19 14.12
CA ASP D 50 -26.25 6.01 13.36
C ASP D 50 -26.28 4.80 14.26
N ILE D 51 -26.36 3.62 13.65
CA ILE D 51 -26.42 2.35 14.38
C ILE D 51 -25.72 1.28 13.56
N SER D 52 -24.89 0.49 14.23
CA SER D 52 -24.03 -0.47 13.55
C SER D 52 -24.84 -1.67 13.07
N GLN D 53 -24.16 -2.68 12.53
CA GLN D 53 -24.85 -3.80 11.91
C GLN D 53 -25.64 -4.62 12.92
N SER D 54 -25.00 -5.03 14.01
CA SER D 54 -25.65 -5.91 14.98
C SER D 54 -26.74 -5.17 15.74
N GLY D 55 -26.43 -3.98 16.24
CA GLY D 55 -27.39 -3.22 17.02
C GLY D 55 -26.75 -2.46 18.17
N ALA D 56 -25.48 -2.72 18.42
CA ALA D 56 -24.73 -1.99 19.44
C ALA D 56 -24.11 -0.75 18.81
N SER D 57 -23.20 -0.09 19.53
CA SER D 57 -22.49 1.08 19.02
C SER D 57 -23.46 2.09 18.42
N ILE D 58 -24.31 2.63 19.28
CA ILE D 58 -25.22 3.70 18.89
C ILE D 58 -24.52 5.03 19.10
N SER D 59 -24.95 6.06 18.37
CA SER D 59 -24.35 7.37 18.48
C SER D 59 -25.39 8.42 18.11
N TYR D 60 -25.26 9.60 18.73
CA TYR D 60 -26.21 10.68 18.51
C TYR D 60 -25.45 12.00 18.36
N THR D 61 -26.08 12.94 17.69
CA THR D 61 -25.69 14.34 17.84
C THR D 61 -26.21 14.86 19.17
N GLY D 62 -25.42 15.70 19.82
CA GLY D 62 -25.73 16.08 21.20
C GLY D 62 -27.08 16.72 21.36
N SER D 63 -27.52 17.52 20.38
CA SER D 63 -28.75 18.29 20.52
C SER D 63 -29.97 17.42 20.74
N VAL D 64 -29.91 16.13 20.40
CA VAL D 64 -31.04 15.23 20.52
C VAL D 64 -30.78 14.10 21.52
N LYS D 65 -29.73 14.22 22.33
CA LYS D 65 -29.42 13.17 23.29
C LYS D 65 -30.43 13.16 24.43
N GLY D 66 -30.88 11.97 24.81
CA GLY D 66 -31.89 11.82 25.82
C GLY D 66 -33.31 11.99 25.34
N ARG D 67 -33.52 12.27 24.05
CA ARG D 67 -34.84 12.51 23.50
C ARG D 67 -35.24 11.47 22.46
N PHE D 68 -34.38 11.22 21.47
CA PHE D 68 -34.68 10.29 20.38
C PHE D 68 -33.96 8.97 20.60
N THR D 69 -34.49 7.92 19.98
CA THR D 69 -33.93 6.58 20.09
C THR D 69 -33.97 5.92 18.72
N ILE D 70 -32.90 5.20 18.39
CA ILE D 70 -32.74 4.55 17.10
C ILE D 70 -32.61 3.05 17.31
N SER D 71 -33.16 2.29 16.38
CA SER D 71 -33.14 0.83 16.48
C SER D 71 -33.30 0.22 15.10
N ARG D 72 -32.94 -1.06 14.99
CA ARG D 72 -33.07 -1.83 13.77
C ARG D 72 -34.10 -2.93 13.96
N ASP D 73 -34.49 -3.52 12.83
CA ASP D 73 -35.23 -4.80 12.82
C ASP D 73 -34.69 -5.56 11.62
N ASN D 74 -33.66 -6.37 11.84
CA ASN D 74 -33.00 -7.07 10.75
C ASN D 74 -33.91 -8.11 10.11
N ALA D 75 -34.96 -8.53 10.81
CA ALA D 75 -35.89 -9.51 10.25
C ALA D 75 -36.92 -8.88 9.32
N LYS D 76 -37.07 -7.56 9.34
CA LYS D 76 -38.07 -6.86 8.54
C LYS D 76 -37.46 -5.78 7.66
N ASN D 77 -36.15 -5.54 7.73
CA ASN D 77 -35.48 -4.56 6.89
C ASN D 77 -36.08 -3.16 7.10
N THR D 78 -36.17 -2.75 8.36
CA THR D 78 -36.78 -1.47 8.71
C THR D 78 -35.93 -0.78 9.76
N LEU D 79 -36.05 0.56 9.81
CA LEU D 79 -35.34 1.39 10.75
C LEU D 79 -36.32 2.32 11.42
N TYR D 80 -36.02 2.71 12.67
CA TYR D 80 -36.95 3.44 13.50
C TYR D 80 -36.29 4.65 14.14
N LEU D 81 -37.11 5.64 14.48
CA LEU D 81 -36.66 6.80 15.25
C LEU D 81 -37.86 7.26 16.08
N GLN D 82 -37.90 6.85 17.34
CA GLN D 82 -38.96 7.25 18.26
C GLN D 82 -38.64 8.66 18.78
N MET D 83 -39.47 9.62 18.43
CA MET D 83 -39.27 11.02 18.80
C MET D 83 -40.24 11.41 19.90
N ASN D 84 -39.73 12.15 20.88
CA ASN D 84 -40.55 12.63 21.98
C ASN D 84 -39.95 13.95 22.49
N SER D 85 -40.79 14.72 23.18
CA SER D 85 -40.39 16.05 23.67
C SER D 85 -39.95 16.95 22.51
N LEU D 86 -40.72 16.93 21.44
CA LEU D 86 -40.35 17.67 20.24
C LEU D 86 -40.32 19.17 20.51
N LYS D 87 -39.45 19.86 19.80
CA LYS D 87 -39.29 21.31 19.88
C LYS D 87 -39.39 21.90 18.49
N PRO D 88 -39.72 23.19 18.39
CA PRO D 88 -39.87 23.80 17.06
C PRO D 88 -38.64 23.69 16.18
N GLU D 89 -37.44 23.67 16.78
CA GLU D 89 -36.19 23.60 16.01
C GLU D 89 -35.97 22.22 15.37
N ASP D 90 -36.91 21.29 15.46
CA ASP D 90 -36.78 19.97 14.84
C ASP D 90 -37.61 19.85 13.57
N THR D 91 -38.13 20.95 13.05
CA THR D 91 -38.93 20.92 11.82
C THR D 91 -37.99 20.80 10.62
N ALA D 92 -38.12 19.69 9.87
CA ALA D 92 -37.27 19.47 8.72
C ALA D 92 -37.67 18.19 7.98
N VAL D 93 -37.05 17.95 6.83
CA VAL D 93 -37.20 16.69 6.11
C VAL D 93 -36.18 15.70 6.66
N TYR D 94 -36.59 14.44 6.80
CA TYR D 94 -35.75 13.41 7.38
C TYR D 94 -35.51 12.32 6.33
N TYR D 95 -34.26 12.12 5.96
CA TYR D 95 -33.87 11.12 4.98
C TYR D 95 -33.27 9.90 5.66
N CYS D 96 -33.35 8.78 4.97
CA CYS D 96 -32.80 7.50 5.43
C CYS D 96 -31.58 7.18 4.58
N ALA D 97 -30.42 7.06 5.22
CA ALA D 97 -29.15 6.91 4.53
C ALA D 97 -28.44 5.64 5.00
N ARG D 98 -27.51 5.17 4.16
CA ARG D 98 -26.70 4.00 4.50
C ARG D 98 -25.33 4.13 3.85
N CYS D 99 -24.36 3.42 4.41
CA CYS D 99 -22.97 3.58 4.02
C CYS D 99 -22.69 2.95 2.66
N PRO D 100 -21.63 3.39 1.97
CA PRO D 100 -21.40 2.91 0.59
C PRO D 100 -20.81 1.51 0.49
N ALA D 101 -20.15 0.99 1.53
CA ALA D 101 -19.53 -0.32 1.46
C ALA D 101 -19.91 -1.18 2.66
N PRO D 102 -20.12 -2.49 2.47
CA PRO D 102 -20.74 -3.30 3.53
C PRO D 102 -19.95 -3.44 4.81
N PHE D 103 -18.74 -4.01 4.74
CA PHE D 103 -18.02 -4.44 5.93
C PHE D 103 -16.97 -3.41 6.35
N THR D 104 -17.44 -2.19 6.62
CA THR D 104 -16.55 -1.09 6.95
C THR D 104 -17.12 -0.29 8.13
N ARG D 105 -16.23 0.37 8.85
CA ARG D 105 -16.62 1.29 9.92
C ARG D 105 -16.30 2.74 9.57
N ASP D 106 -16.15 3.05 8.29
CA ASP D 106 -16.03 4.42 7.80
C ASP D 106 -17.20 4.72 6.87
N CYS D 107 -17.73 5.94 6.96
CA CYS D 107 -18.90 6.34 6.18
C CYS D 107 -18.63 7.75 5.66
N PHE D 108 -18.22 7.84 4.39
CA PHE D 108 -17.57 9.05 3.90
C PHE D 108 -18.58 10.11 3.46
N ASP D 109 -19.39 9.81 2.46
CA ASP D 109 -20.15 10.83 1.74
C ASP D 109 -21.65 10.74 1.99
N VAL D 110 -22.06 10.43 3.22
CA VAL D 110 -23.48 10.23 3.50
C VAL D 110 -24.23 11.55 3.57
N THR D 111 -23.54 12.64 3.92
CA THR D 111 -24.17 13.94 4.12
C THR D 111 -23.95 14.88 2.95
N SER D 112 -23.43 14.39 1.82
CA SER D 112 -23.14 15.22 0.67
C SER D 112 -24.42 15.57 -0.08
N THR D 113 -24.28 16.37 -1.13
CA THR D 113 -25.39 16.71 -2.00
C THR D 113 -25.37 15.79 -3.22
N THR D 114 -26.52 15.22 -3.54
CA THR D 114 -26.67 14.26 -4.64
C THR D 114 -26.12 12.89 -4.29
N TYR D 115 -25.95 12.59 -3.01
CA TYR D 115 -25.58 11.24 -2.60
C TYR D 115 -26.65 10.25 -3.08
N ALA D 116 -26.20 9.09 -3.57
CA ALA D 116 -27.09 8.20 -4.30
C ALA D 116 -27.93 7.32 -3.37
N TYR D 117 -27.32 6.74 -2.33
CA TYR D 117 -28.00 5.80 -1.46
C TYR D 117 -28.69 6.53 -0.31
N ARG D 118 -29.67 7.37 -0.67
CA ARG D 118 -30.44 8.12 0.29
C ARG D 118 -31.90 8.11 -0.13
N GLY D 119 -32.79 8.36 0.83
CA GLY D 119 -34.22 8.34 0.59
C GLY D 119 -34.76 9.68 0.12
N GLN D 120 -36.05 9.68 -0.21
CA GLN D 120 -36.71 10.89 -0.67
C GLN D 120 -37.02 11.84 0.47
N GLY D 121 -37.40 11.29 1.63
CA GLY D 121 -37.63 12.09 2.82
C GLY D 121 -39.10 12.17 3.19
N THR D 122 -39.34 12.57 4.43
CA THR D 122 -40.68 12.78 4.96
C THR D 122 -40.69 14.06 5.79
N GLN D 123 -41.73 14.86 5.62
CA GLN D 123 -41.82 16.16 6.27
C GLN D 123 -42.35 15.99 7.69
N VAL D 124 -41.63 16.55 8.66
CA VAL D 124 -42.04 16.59 10.05
C VAL D 124 -42.15 18.05 10.46
N THR D 125 -43.35 18.47 10.85
CA THR D 125 -43.61 19.85 11.23
C THR D 125 -44.05 19.89 12.69
N VAL D 126 -43.43 20.77 13.46
CA VAL D 126 -43.80 20.99 14.86
C VAL D 126 -44.17 22.46 15.02
N SER D 127 -45.40 22.70 15.45
CA SER D 127 -45.91 24.06 15.61
C SER D 127 -47.21 23.99 16.40
N SER D 128 -47.88 25.13 16.52
CA SER D 128 -49.15 25.20 17.23
C SER D 128 -50.09 26.19 16.54
N GLU E 18 65.04 -26.34 20.29
CA GLU E 18 64.35 -26.44 21.58
C GLU E 18 63.09 -27.27 21.46
N GLY E 19 62.62 -27.78 22.59
CA GLY E 19 61.41 -28.58 22.62
C GLY E 19 61.01 -28.89 24.04
N CYS E 20 59.76 -29.30 24.20
CA CYS E 20 59.22 -29.58 25.53
C CYS E 20 58.05 -30.55 25.40
N HIS E 21 57.84 -31.32 26.45
CA HIS E 21 56.78 -32.31 26.48
C HIS E 21 55.44 -31.65 26.79
N VAL E 22 54.40 -32.09 26.10
CA VAL E 22 53.05 -31.56 26.27
C VAL E 22 52.07 -32.71 26.16
N ASP E 23 50.96 -32.63 26.90
CA ASP E 23 49.97 -33.68 26.92
C ASP E 23 48.62 -33.11 27.33
N SER E 24 47.57 -33.90 27.08
CA SER E 24 46.21 -33.51 27.42
C SER E 24 45.40 -34.77 27.68
N ARG E 25 44.24 -34.59 28.32
CA ARG E 25 43.38 -35.71 28.65
C ARG E 25 41.92 -35.44 28.32
N VAL E 26 41.55 -34.16 28.16
CA VAL E 26 40.16 -33.82 27.89
C VAL E 26 39.94 -33.45 26.43
N ASP E 27 40.99 -33.01 25.71
CA ASP E 27 40.81 -32.52 24.36
C ASP E 27 40.34 -33.60 23.40
N HIS E 28 40.46 -34.87 23.78
CA HIS E 28 39.92 -35.96 22.97
C HIS E 28 38.47 -36.30 23.35
N LEU E 29 37.89 -35.57 24.31
CA LEU E 29 36.51 -35.78 24.73
C LEU E 29 35.63 -34.56 24.47
N PHE E 30 36.05 -33.38 24.93
CA PHE E 30 35.17 -32.21 24.93
C PHE E 30 35.11 -31.59 23.53
N PRO E 31 36.24 -31.25 22.91
CA PRO E 31 36.20 -30.51 21.65
C PRO E 31 35.40 -31.24 20.57
N PRO E 32 35.69 -32.53 20.31
CA PRO E 32 34.95 -33.20 19.23
C PRO E 32 33.45 -33.27 19.47
N SER E 33 33.03 -33.51 20.72
CA SER E 33 31.61 -33.52 21.03
C SER E 33 30.99 -32.15 20.79
N LEU E 34 31.67 -31.09 21.20
CA LEU E 34 31.14 -29.75 20.98
C LEU E 34 31.01 -29.45 19.49
N TYR E 35 32.02 -29.83 18.70
CA TYR E 35 31.95 -29.59 17.26
C TYR E 35 30.81 -30.38 16.63
N ILE E 36 30.63 -31.64 17.05
CA ILE E 36 29.55 -32.46 16.51
C ILE E 36 28.21 -31.81 16.81
N PHE E 37 28.04 -31.32 18.04
CA PHE E 37 26.81 -30.61 18.39
C PHE E 37 26.64 -29.36 17.52
N VAL E 38 27.72 -28.62 17.31
CA VAL E 38 27.63 -27.34 16.60
C VAL E 38 27.21 -27.54 15.15
N ILE E 39 27.78 -28.55 14.48
CA ILE E 39 27.61 -28.65 13.02
C ILE E 39 26.14 -28.81 12.66
N GLY E 40 25.46 -29.72 13.33
CA GLY E 40 24.09 -30.06 12.94
C GLY E 40 23.13 -28.90 13.12
N VAL E 41 23.28 -28.15 14.21
CA VAL E 41 22.42 -27.00 14.43
C VAL E 41 22.86 -25.81 13.59
N GLY E 42 24.13 -25.78 13.17
CA GLY E 42 24.61 -24.64 12.40
C GLY E 42 24.17 -24.68 10.95
N LEU E 43 24.25 -25.85 10.33
CA LEU E 43 23.99 -25.92 8.88
C LEU E 43 22.59 -25.46 8.51
N PRO E 44 21.51 -26.14 8.92
CA PRO E 44 20.17 -25.72 8.46
C PRO E 44 19.79 -24.32 8.91
N THR E 45 20.16 -23.95 10.13
CA THR E 45 19.84 -22.62 10.62
C THR E 45 20.50 -21.55 9.78
N ASN E 46 21.79 -21.75 9.46
CA ASN E 46 22.50 -20.78 8.63
C ASN E 46 21.91 -20.73 7.22
N CYS E 47 21.50 -21.88 6.67
CA CYS E 47 20.89 -21.87 5.35
C CYS E 47 19.59 -21.06 5.35
N LEU E 48 18.74 -21.26 6.37
CA LEU E 48 17.49 -20.51 6.45
C LEU E 48 17.76 -19.02 6.65
N ALA E 49 18.76 -18.68 7.47
CA ALA E 49 19.11 -17.28 7.66
C ALA E 49 19.58 -16.65 6.35
N LEU E 50 20.36 -17.39 5.56
CA LEU E 50 20.79 -16.89 4.26
C LEU E 50 19.61 -16.67 3.33
N TRP E 51 18.64 -17.60 3.35
CA TRP E 51 17.44 -17.42 2.54
C TRP E 51 16.70 -16.14 2.93
N ALA E 52 16.52 -15.94 4.24
CA ALA E 52 15.81 -14.75 4.71
C ALA E 52 16.57 -13.48 4.34
N ALA E 53 17.90 -13.49 4.46
CA ALA E 53 18.69 -12.33 4.10
C ALA E 53 18.56 -12.01 2.62
N TYR E 54 18.59 -13.04 1.76
CA TYR E 54 18.41 -12.79 0.33
C TYR E 54 17.03 -12.23 0.04
N ARG E 55 15.99 -12.73 0.75
CA ARG E 55 14.66 -12.16 0.57
C ARG E 55 14.63 -10.69 0.94
N GLN E 56 15.26 -10.33 2.07
CA GLN E 56 15.32 -8.94 2.47
C GLN E 56 16.04 -8.10 1.42
N VAL E 57 17.13 -8.61 0.86
CA VAL E 57 17.82 -7.90 -0.20
C VAL E 57 16.89 -7.69 -1.39
N GLN E 58 16.17 -8.74 -1.76
CA GLN E 58 15.22 -8.65 -2.87
C GLN E 58 14.16 -7.58 -2.61
N GLN E 59 13.81 -7.37 -1.34
CA GLN E 59 12.90 -6.29 -0.97
C GLN E 59 13.57 -4.93 -0.94
N ARG E 60 14.84 -4.83 -1.36
CA ARG E 60 15.54 -3.56 -1.44
C ARG E 60 15.90 -3.00 -0.06
N ASN E 61 16.24 -3.88 0.87
CA ASN E 61 16.78 -3.49 2.17
C ASN E 61 18.25 -3.89 2.23
N GLU E 62 19.13 -2.92 2.53
CA GLU E 62 20.56 -3.15 2.41
C GLU E 62 21.18 -3.80 3.64
N LEU E 63 20.40 -4.06 4.70
CA LEU E 63 20.91 -4.89 5.79
C LEU E 63 21.09 -6.33 5.33
N GLY E 64 20.33 -6.73 4.32
CA GLY E 64 20.41 -8.08 3.81
C GLY E 64 21.77 -8.42 3.25
N VAL E 65 22.45 -7.46 2.61
CA VAL E 65 23.77 -7.74 2.05
C VAL E 65 24.72 -8.20 3.15
N TYR E 66 24.77 -7.45 4.25
CA TYR E 66 25.63 -7.82 5.37
C TYR E 66 25.19 -9.14 5.98
N LEU E 67 23.88 -9.36 6.08
CA LEU E 67 23.40 -10.63 6.65
C LEU E 67 23.84 -11.82 5.80
N MET E 68 23.72 -11.72 4.47
CA MET E 68 24.18 -12.80 3.60
C MET E 68 25.68 -13.01 3.72
N ASN E 69 26.46 -11.92 3.78
CA ASN E 69 27.90 -12.09 3.90
C ASN E 69 28.26 -12.81 5.20
N LEU E 70 27.60 -12.43 6.30
CA LEU E 70 27.85 -13.13 7.56
C LEU E 70 27.48 -14.59 7.48
N SER E 71 26.33 -14.91 6.87
CA SER E 71 25.91 -16.30 6.75
C SER E 71 26.90 -17.10 5.90
N ILE E 72 27.39 -16.52 4.80
CA ILE E 72 28.34 -17.21 3.95
C ILE E 72 29.62 -17.49 4.71
N ALA E 73 30.11 -16.50 5.47
CA ALA E 73 31.31 -16.73 6.26
C ALA E 73 31.10 -17.85 7.28
N ASP E 74 29.93 -17.86 7.94
CA ASP E 74 29.65 -18.89 8.92
C ASP E 74 29.62 -20.28 8.27
N LEU E 75 28.99 -20.40 7.10
CA LEU E 75 28.93 -21.68 6.43
C LEU E 75 30.31 -22.15 5.99
N LEU E 76 31.13 -21.22 5.48
CA LEU E 76 32.49 -21.59 5.10
C LEU E 76 33.28 -22.10 6.31
N TYR E 77 33.12 -21.44 7.46
CA TYR E 77 33.78 -21.94 8.66
C TYR E 77 33.26 -23.31 9.06
N ILE E 78 31.94 -23.51 8.97
CA ILE E 78 31.35 -24.77 9.42
C ILE E 78 31.83 -25.94 8.57
N CYS E 79 32.02 -25.70 7.27
CA CYS E 79 32.34 -26.81 6.37
C CYS E 79 33.66 -27.48 6.70
N THR E 80 34.54 -26.83 7.47
CA THR E 80 35.89 -27.34 7.71
C THR E 80 36.06 -27.93 9.10
N LEU E 81 34.98 -28.22 9.83
CA LEU E 81 35.09 -28.70 11.20
C LEU E 81 35.41 -30.19 11.28
N PRO E 82 34.80 -31.04 10.44
CA PRO E 82 35.05 -32.48 10.57
C PRO E 82 36.53 -32.85 10.51
N LEU E 83 37.32 -32.14 9.70
CA LEU E 83 38.76 -32.41 9.67
C LEU E 83 39.39 -32.20 11.03
N TRP E 84 38.99 -31.14 11.73
CA TRP E 84 39.57 -30.89 13.04
C TRP E 84 38.99 -31.81 14.11
N VAL E 85 37.76 -32.28 13.94
CA VAL E 85 37.26 -33.35 14.81
C VAL E 85 38.14 -34.59 14.67
N ASP E 86 38.44 -34.96 13.42
CA ASP E 86 39.34 -36.08 13.17
C ASP E 86 40.72 -35.82 13.79
N TYR E 87 41.22 -34.59 13.66
CA TYR E 87 42.51 -34.24 14.24
C TYR E 87 42.51 -34.42 15.75
N PHE E 88 41.45 -33.95 16.42
CA PHE E 88 41.40 -34.04 17.88
C PHE E 88 41.22 -35.48 18.35
N LEU E 89 40.49 -36.31 17.60
CA LEU E 89 40.27 -37.68 18.03
C LEU E 89 41.57 -38.47 18.10
N HIS E 90 42.56 -38.15 17.26
CA HIS E 90 43.81 -38.87 17.22
C HIS E 90 44.89 -38.24 18.10
N HIS E 91 44.52 -37.36 19.02
CA HIS E 91 45.45 -36.75 19.95
C HIS E 91 46.51 -35.91 19.22
N ASP E 92 46.03 -34.92 18.48
CA ASP E 92 46.87 -33.91 17.86
C ASP E 92 47.85 -34.53 16.84
N ASN E 93 47.27 -35.12 15.80
CA ASN E 93 48.05 -35.66 14.70
C ASN E 93 47.33 -35.39 13.38
N TRP E 94 48.07 -34.98 12.36
CA TRP E 94 47.53 -34.68 11.04
C TRP E 94 48.01 -35.74 10.06
N ILE E 95 47.10 -36.24 9.24
CA ILE E 95 47.38 -37.40 8.39
C ILE E 95 46.92 -37.15 6.94
N HIS E 96 46.49 -35.93 6.64
CA HIS E 96 45.87 -35.63 5.35
C HIS E 96 46.75 -34.80 4.43
N GLY E 97 47.95 -34.43 4.84
CA GLY E 97 48.89 -33.76 3.96
C GLY E 97 49.15 -32.31 4.29
N PRO E 98 50.36 -31.84 4.01
CA PRO E 98 50.70 -30.44 4.34
C PRO E 98 49.82 -29.42 3.64
N GLY E 99 49.43 -29.67 2.39
CA GLY E 99 48.57 -28.72 1.70
C GLY E 99 47.20 -28.61 2.34
N SER E 100 46.61 -29.74 2.68
CA SER E 100 45.34 -29.73 3.39
C SER E 100 45.47 -29.03 4.73
N CYS E 101 46.55 -29.31 5.47
CA CYS E 101 46.78 -28.60 6.72
C CYS E 101 46.82 -27.10 6.49
N LYS E 102 47.58 -26.66 5.49
CA LYS E 102 47.69 -25.23 5.21
C LYS E 102 46.33 -24.61 4.95
N LEU E 103 45.58 -25.19 4.01
CA LEU E 103 44.31 -24.57 3.61
C LEU E 103 43.31 -24.56 4.75
N PHE E 104 43.12 -25.73 5.39
CA PHE E 104 42.11 -25.82 6.44
C PHE E 104 42.49 -24.97 7.64
N GLY E 105 43.77 -24.94 8.01
CA GLY E 105 44.19 -24.06 9.08
C GLY E 105 43.93 -22.60 8.76
N PHE E 106 44.22 -22.19 7.52
CA PHE E 106 43.96 -20.80 7.13
C PHE E 106 42.49 -20.46 7.32
N ILE E 107 41.59 -21.27 6.75
CA ILE E 107 40.17 -20.96 6.83
C ILE E 107 39.71 -20.97 8.29
N PHE E 108 40.11 -22.01 9.03
CA PHE E 108 39.65 -22.24 10.38
C PHE E 108 40.13 -21.15 11.34
N TYR E 109 41.31 -20.58 11.09
CA TYR E 109 41.82 -19.50 11.92
C TYR E 109 41.44 -18.12 11.42
N THR E 110 40.88 -18.01 10.21
CA THR E 110 40.60 -16.71 9.63
C THR E 110 39.12 -16.30 9.68
N ASN E 111 38.18 -17.24 9.52
CA ASN E 111 36.79 -16.82 9.31
C ASN E 111 36.20 -16.02 10.49
N ILE E 112 36.77 -16.18 11.69
CA ILE E 112 36.20 -15.54 12.88
C ILE E 112 36.20 -14.03 12.72
N TYR E 113 37.32 -13.47 12.24
CA TYR E 113 37.47 -12.03 12.18
C TYR E 113 36.59 -11.42 11.10
N ILE E 114 36.37 -12.15 10.00
CA ILE E 114 35.42 -11.69 8.98
C ILE E 114 34.01 -11.63 9.56
N SER E 115 33.64 -12.66 10.33
CA SER E 115 32.32 -12.64 10.97
C SER E 115 32.18 -11.43 11.89
N ILE E 116 33.22 -11.16 12.69
CA ILE E 116 33.17 -10.02 13.61
C ILE E 116 33.04 -8.71 12.82
N ALA E 117 33.79 -8.56 11.74
CA ALA E 117 33.74 -7.33 10.95
C ALA E 117 32.34 -7.11 10.37
N PHE E 118 31.70 -8.17 9.89
CA PHE E 118 30.37 -7.98 9.34
C PHE E 118 29.33 -7.67 10.42
N LEU E 119 29.51 -8.23 11.63
CA LEU E 119 28.66 -7.80 12.74
C LEU E 119 28.80 -6.30 13.00
N CYS E 120 30.04 -5.81 12.99
CA CYS E 120 30.27 -4.38 13.19
C CYS E 120 29.60 -3.56 12.09
N CYS E 121 29.69 -4.03 10.84
CA CYS E 121 29.04 -3.31 9.75
C CYS E 121 27.54 -3.23 9.94
N ILE E 122 26.91 -4.34 10.35
CA ILE E 122 25.47 -4.33 10.61
C ILE E 122 25.15 -3.30 11.69
N SER E 123 25.94 -3.29 12.77
CA SER E 123 25.67 -2.36 13.86
C SER E 123 25.74 -0.91 13.39
N VAL E 124 26.77 -0.58 12.60
CA VAL E 124 26.92 0.81 12.16
C VAL E 124 25.80 1.20 11.21
N ASP E 125 25.38 0.28 10.34
CA ASP E 125 24.27 0.57 9.45
C ASP E 125 22.99 0.87 10.24
N ARG E 126 22.71 0.05 11.26
CA ARG E 126 21.53 0.30 12.09
C ARG E 126 21.63 1.65 12.78
N TYR E 127 22.81 2.00 13.30
CA TYR E 127 22.96 3.29 13.97
C TYR E 127 22.68 4.44 12.99
N LEU E 128 23.21 4.36 11.78
CA LEU E 128 22.95 5.41 10.80
C LEU E 128 21.47 5.51 10.49
N ALA E 129 20.79 4.37 10.35
CA ALA E 129 19.37 4.40 9.99
C ALA E 129 18.52 5.02 11.10
N VAL E 130 18.70 4.55 12.34
CA VAL E 130 17.74 4.93 13.39
C VAL E 130 18.05 6.29 13.98
N ALA E 131 19.30 6.73 13.96
CA ALA E 131 19.69 7.96 14.65
C ALA E 131 19.70 9.19 13.76
N HIS E 132 19.78 9.02 12.44
CA HIS E 132 19.74 10.12 11.47
C HIS E 132 18.73 9.77 10.40
N PRO E 133 17.44 9.91 10.69
CA PRO E 133 16.42 9.44 9.73
C PRO E 133 16.46 10.13 8.39
N LEU E 134 16.93 11.38 8.30
CA LEU E 134 16.79 12.19 7.10
C LEU E 134 18.12 12.80 6.67
N ARG E 135 19.21 12.02 6.71
CA ARG E 135 20.50 12.66 6.46
C ARG E 135 21.36 11.97 5.41
N PHE E 136 21.36 10.63 5.35
CA PHE E 136 22.38 9.89 4.59
C PHE E 136 21.73 8.86 3.67
N ALA E 137 20.74 9.29 2.90
CA ALA E 137 20.10 8.36 1.96
C ALA E 137 21.09 7.78 0.96
N ARG E 138 22.20 8.48 0.69
CA ARG E 138 23.19 7.97 -0.25
C ARG E 138 23.90 6.74 0.30
N LEU E 139 24.37 6.81 1.55
CA LEU E 139 25.11 5.71 2.15
C LEU E 139 24.26 4.45 2.33
N ARG E 140 22.95 4.60 2.45
CA ARG E 140 22.07 3.47 2.73
C ARG E 140 21.49 2.93 1.41
N ARG E 141 22.38 2.33 0.63
CA ARG E 141 22.02 1.75 -0.66
C ARG E 141 22.68 0.39 -0.82
N VAL E 142 22.16 -0.40 -1.76
CA VAL E 142 22.73 -1.72 -2.03
C VAL E 142 24.10 -1.60 -2.68
N LYS E 143 24.29 -0.59 -3.54
CA LYS E 143 25.58 -0.41 -4.20
C LYS E 143 26.68 -0.18 -3.18
N THR E 144 26.44 0.72 -2.21
CA THR E 144 27.43 0.98 -1.18
C THR E 144 27.66 -0.27 -0.34
N ALA E 145 26.61 -1.03 -0.07
CA ALA E 145 26.77 -2.27 0.69
C ALA E 145 27.70 -3.24 -0.03
N VAL E 146 27.52 -3.41 -1.34
CA VAL E 146 28.38 -4.30 -2.10
C VAL E 146 29.82 -3.81 -2.09
N ALA E 147 30.02 -2.51 -2.29
CA ALA E 147 31.37 -1.97 -2.29
C ALA E 147 32.06 -2.21 -0.95
N VAL E 148 31.36 -1.92 0.15
CA VAL E 148 31.94 -2.10 1.48
C VAL E 148 32.23 -3.57 1.76
N SER E 149 31.31 -4.46 1.35
CA SER E 149 31.52 -5.88 1.58
C SER E 149 32.74 -6.38 0.83
N SER E 150 32.90 -5.96 -0.43
CA SER E 150 34.08 -6.36 -1.19
C SER E 150 35.35 -5.86 -0.53
N VAL E 151 35.36 -4.60 -0.09
CA VAL E 151 36.55 -4.07 0.58
C VAL E 151 36.86 -4.87 1.83
N VAL E 152 35.84 -5.20 2.62
CA VAL E 152 36.06 -5.93 3.87
C VAL E 152 36.64 -7.31 3.58
N TRP E 153 36.04 -8.04 2.64
CA TRP E 153 36.57 -9.36 2.29
C TRP E 153 38.03 -9.28 1.87
N ALA E 154 38.33 -8.38 0.92
CA ALA E 154 39.68 -8.30 0.39
C ALA E 154 40.67 -7.92 1.48
N THR E 155 40.34 -6.91 2.29
CA THR E 155 41.27 -6.46 3.31
C THR E 155 41.52 -7.55 4.35
N GLU E 156 40.46 -8.24 4.79
CA GLU E 156 40.64 -9.27 5.80
C GLU E 156 41.54 -10.39 5.26
N LEU E 157 41.24 -10.88 4.06
CA LEU E 157 42.04 -11.97 3.50
C LEU E 157 43.49 -11.54 3.31
N GLY E 158 43.70 -10.34 2.76
CA GLY E 158 45.06 -9.88 2.54
C GLY E 158 45.84 -9.72 3.83
N ALA E 159 45.20 -9.20 4.87
CA ALA E 159 45.91 -8.97 6.13
C ALA E 159 46.19 -10.28 6.86
N ASN E 160 45.30 -11.27 6.73
CA ASN E 160 45.50 -12.54 7.42
C ASN E 160 46.19 -13.59 6.57
N SER E 161 46.59 -13.27 5.34
CA SER E 161 47.32 -14.22 4.51
C SER E 161 48.76 -14.45 4.97
N ALA E 162 49.20 -13.80 6.04
CA ALA E 162 50.61 -13.89 6.45
C ALA E 162 51.11 -15.32 6.63
N PRO E 163 50.39 -16.23 7.31
CA PRO E 163 50.95 -17.56 7.58
C PRO E 163 50.92 -18.50 6.39
N LEU E 164 50.53 -18.05 5.20
CA LEU E 164 50.45 -18.90 4.03
C LEU E 164 51.76 -18.98 3.26
N PHE E 165 52.83 -18.37 3.76
CA PHE E 165 54.14 -18.38 3.12
C PHE E 165 55.18 -19.08 3.98
N HIS E 166 54.74 -19.99 4.85
CA HIS E 166 55.62 -20.65 5.80
C HIS E 166 55.24 -22.12 5.90
N ASP E 167 55.98 -22.85 6.74
CA ASP E 167 55.73 -24.26 6.97
C ASP E 167 54.79 -24.41 8.16
N GLU E 168 53.67 -25.11 7.95
CA GLU E 168 52.63 -25.24 8.96
C GLU E 168 52.41 -26.70 9.37
N LEU E 169 53.42 -27.56 9.23
CA LEU E 169 53.34 -28.94 9.67
C LEU E 169 54.67 -29.31 10.32
N PHE E 170 54.60 -29.72 11.58
CA PHE E 170 55.79 -30.03 12.37
C PHE E 170 55.60 -31.36 13.08
N ARG E 171 56.71 -32.02 13.36
CA ARG E 171 56.73 -33.29 14.08
C ARG E 171 57.65 -33.16 15.30
N ASP E 172 57.15 -33.56 16.46
CA ASP E 172 57.89 -33.44 17.70
C ASP E 172 58.48 -34.79 18.10
N ARG E 173 59.39 -34.75 19.09
CA ARG E 173 60.03 -35.97 19.54
C ARG E 173 59.00 -36.96 20.11
N TYR E 174 57.94 -36.43 20.71
CA TYR E 174 56.85 -37.27 21.20
C TYR E 174 55.86 -37.57 20.08
N ASN E 175 54.77 -38.26 20.42
CA ASN E 175 53.80 -38.71 19.44
C ASN E 175 52.84 -37.55 19.11
N HIS E 176 53.37 -36.54 18.44
CA HIS E 176 52.60 -35.38 18.05
C HIS E 176 53.03 -34.92 16.65
N THR E 177 52.05 -34.56 15.84
CA THR E 177 52.26 -33.99 14.50
C THR E 177 51.33 -32.79 14.41
N PHE E 178 51.85 -31.61 14.75
CA PHE E 178 51.02 -30.42 14.87
C PHE E 178 50.77 -29.79 13.50
N CYS E 179 49.64 -29.08 13.40
CA CYS E 179 49.29 -28.28 12.23
C CYS E 179 48.95 -26.89 12.69
N PHE E 180 49.70 -25.90 12.21
CA PHE E 180 49.50 -24.48 12.53
C PHE E 180 49.81 -24.16 13.98
N GLU E 181 50.58 -25.00 14.68
CA GLU E 181 50.95 -24.69 16.05
C GLU E 181 52.28 -25.36 16.38
N LYS E 182 52.94 -24.85 17.42
CA LYS E 182 54.23 -25.37 17.86
C LYS E 182 54.52 -24.83 19.25
N PHE E 183 55.20 -25.65 20.04
CA PHE E 183 55.57 -25.29 21.42
C PHE E 183 57.06 -25.52 21.62
N PRO E 184 57.88 -24.47 21.76
CA PRO E 184 57.55 -23.04 21.69
C PRO E 184 57.32 -22.58 20.25
N MET E 185 56.66 -21.44 20.05
CA MET E 185 56.35 -20.95 18.72
C MET E 185 57.43 -19.98 18.23
N GLU E 186 57.37 -19.69 16.93
CA GLU E 186 58.36 -18.84 16.28
C GLU E 186 58.10 -17.36 16.58
N GLY E 187 59.08 -16.53 16.24
CA GLY E 187 58.99 -15.11 16.56
C GLY E 187 57.86 -14.41 15.83
N TRP E 188 57.68 -14.70 14.54
CA TRP E 188 56.64 -14.03 13.78
C TRP E 188 55.25 -14.38 14.29
N VAL E 189 55.08 -15.57 14.86
CA VAL E 189 53.77 -15.99 15.34
C VAL E 189 53.32 -15.11 16.49
N ALA E 190 54.24 -14.67 17.34
CA ALA E 190 53.86 -13.81 18.46
C ALA E 190 53.32 -12.47 17.98
N TRP E 191 54.00 -11.86 17.00
CA TRP E 191 53.52 -10.60 16.45
C TRP E 191 52.18 -10.79 15.74
N MET E 192 52.03 -11.89 15.00
CA MET E 192 50.74 -12.21 14.41
C MET E 192 49.66 -12.30 15.48
N ASN E 193 49.98 -12.94 16.62
CA ASN E 193 49.00 -13.09 17.68
C ASN E 193 48.61 -11.75 18.29
N LEU E 194 49.58 -10.87 18.51
CA LEU E 194 49.27 -9.55 19.06
C LEU E 194 48.36 -8.77 18.10
N TYR E 195 48.73 -8.75 16.82
CA TYR E 195 47.89 -8.06 15.84
C TYR E 195 46.49 -8.65 15.81
N ARG E 196 46.40 -9.98 15.75
CA ARG E 196 45.10 -10.65 15.83
C ARG E 196 44.30 -10.12 17.00
N VAL E 197 44.81 -10.36 18.22
CA VAL E 197 44.06 -9.99 19.42
C VAL E 197 43.56 -8.57 19.29
N PHE E 198 44.47 -7.60 19.24
CA PHE E 198 44.05 -6.21 19.31
C PHE E 198 43.15 -5.84 18.15
N VAL E 199 43.70 -5.84 16.93
CA VAL E 199 42.98 -5.26 15.80
C VAL E 199 41.72 -6.06 15.48
N GLY E 200 41.81 -7.39 15.46
CA GLY E 200 40.69 -8.20 15.07
C GLY E 200 39.69 -8.52 16.17
N PHE E 201 39.92 -8.12 17.42
CA PHE E 201 38.88 -8.32 18.44
C PHE E 201 38.40 -7.02 19.06
N LEU E 202 39.30 -6.15 19.53
CA LEU E 202 38.86 -5.06 20.39
C LEU E 202 38.14 -3.97 19.60
N PHE E 203 38.67 -3.60 18.43
CA PHE E 203 38.12 -2.46 17.70
C PHE E 203 36.67 -2.69 17.26
N PRO E 204 36.34 -3.79 16.58
CA PRO E 204 34.93 -3.99 16.18
C PRO E 204 34.00 -4.07 17.38
N TRP E 205 34.45 -4.65 18.49
CA TRP E 205 33.63 -4.77 19.68
C TRP E 205 33.28 -3.39 20.24
N ALA E 206 34.27 -2.51 20.33
CA ALA E 206 34.01 -1.15 20.80
C ALA E 206 33.06 -0.42 19.85
N LEU E 207 33.24 -0.60 18.54
CA LEU E 207 32.34 0.04 17.59
C LEU E 207 30.90 -0.43 17.80
N MET E 208 30.71 -1.74 17.99
CA MET E 208 29.38 -2.27 18.25
C MET E 208 28.77 -1.68 19.50
N LEU E 209 29.56 -1.62 20.58
CA LEU E 209 29.06 -1.08 21.84
C LEU E 209 28.61 0.35 21.68
N LEU E 210 29.43 1.18 21.03
CA LEU E 210 29.08 2.58 20.83
C LEU E 210 27.83 2.72 19.97
N SER E 211 27.73 1.93 18.90
CA SER E 211 26.58 2.04 18.01
C SER E 211 25.29 1.71 18.74
N TYR E 212 25.27 0.65 19.53
CA TYR E 212 24.02 0.30 20.21
C TYR E 212 23.71 1.26 21.35
N ARG E 213 24.76 1.81 22.00
CA ARG E 213 24.52 2.89 22.96
C ARG E 213 23.81 4.05 22.29
N GLY E 214 24.29 4.46 21.12
CA GLY E 214 23.65 5.56 20.40
C GLY E 214 22.23 5.23 20.00
N ILE E 215 21.98 3.98 19.58
CA ILE E 215 20.63 3.56 19.24
C ILE E 215 19.70 3.76 20.43
N LEU E 216 20.10 3.30 21.60
CA LEU E 216 19.24 3.44 22.78
C LEU E 216 19.02 4.90 23.14
N ARG E 217 20.09 5.71 23.08
CA ARG E 217 19.92 7.13 23.38
C ARG E 217 18.91 7.77 22.44
N ALA E 218 18.99 7.45 21.15
CA ALA E 218 18.04 8.02 20.19
C ALA E 218 16.62 7.54 20.46
N VAL E 219 16.45 6.24 20.74
CA VAL E 219 15.11 5.69 20.89
C VAL E 219 14.43 6.20 22.15
N ARG E 220 15.20 6.60 23.16
CA ARG E 220 14.56 7.10 24.38
C ARG E 220 13.61 8.27 24.13
N GLY E 221 13.83 9.04 23.07
CA GLY E 221 13.04 10.23 22.81
C GLY E 221 11.80 10.06 21.96
N SER E 222 11.45 8.83 21.60
CA SER E 222 10.28 8.61 20.76
C SER E 222 8.99 8.92 21.52
N VAL E 223 8.04 9.54 20.83
CA VAL E 223 6.73 9.83 21.41
C VAL E 223 5.68 8.80 21.04
N SER E 224 5.84 8.11 19.92
CA SER E 224 4.87 7.13 19.45
C SER E 224 5.14 5.72 19.96
N THR E 225 6.18 5.54 20.79
CA THR E 225 6.58 4.23 21.28
C THR E 225 6.24 4.10 22.76
N GLU E 226 5.74 2.93 23.14
CA GLU E 226 5.38 2.65 24.52
C GLU E 226 6.60 2.15 25.31
N ARG E 227 6.44 2.08 26.62
CA ARG E 227 7.56 1.70 27.49
C ARG E 227 7.92 0.23 27.32
N GLN E 228 6.93 -0.64 27.05
CA GLN E 228 7.22 -2.06 26.89
C GLN E 228 8.15 -2.31 25.72
N GLU E 229 7.93 -1.62 24.60
CA GLU E 229 8.76 -1.82 23.42
C GLU E 229 10.17 -1.31 23.64
N LYS E 230 10.31 -0.19 24.35
CA LYS E 230 11.65 0.30 24.71
C LYS E 230 12.37 -0.71 25.59
N ALA E 231 11.65 -1.33 26.54
CA ALA E 231 12.26 -2.36 27.36
C ALA E 231 12.73 -3.55 26.51
N LYS E 232 11.89 -3.96 25.55
CA LYS E 232 12.29 -5.07 24.68
C LYS E 232 13.55 -4.74 23.88
N ILE E 233 13.61 -3.52 23.34
CA ILE E 233 14.79 -3.12 22.58
C ILE E 233 16.03 -3.13 23.46
N LYS E 234 15.89 -2.61 24.68
CA LYS E 234 17.03 -2.59 25.60
C LYS E 234 17.50 -4.00 25.92
N ARG E 235 16.56 -4.94 26.07
CA ARG E 235 16.95 -6.33 26.30
C ARG E 235 17.72 -6.89 25.12
N LEU E 236 17.22 -6.65 23.90
CA LEU E 236 17.85 -7.23 22.71
C LEU E 236 19.27 -6.73 22.52
N ALA E 237 19.50 -5.42 22.70
CA ALA E 237 20.84 -4.90 22.50
C ALA E 237 21.84 -5.51 23.47
N LEU E 238 21.46 -5.60 24.74
CA LEU E 238 22.35 -6.18 25.74
C LEU E 238 22.65 -7.64 25.44
N SER E 239 21.64 -8.40 24.99
CA SER E 239 21.89 -9.79 24.62
C SER E 239 22.91 -9.87 23.49
N LEU E 240 22.74 -9.02 22.47
CA LEU E 240 23.65 -9.05 21.32
C LEU E 240 25.09 -8.78 21.74
N ILE E 241 25.29 -7.83 22.65
CA ILE E 241 26.65 -7.51 23.09
C ILE E 241 27.23 -8.64 23.94
N ALA E 242 26.42 -9.14 24.88
CA ALA E 242 26.91 -10.11 25.85
C ALA E 242 27.29 -11.43 25.19
N ILE E 243 26.53 -11.86 24.17
CA ILE E 243 26.85 -13.14 23.55
C ILE E 243 28.25 -13.10 22.95
N VAL E 244 28.58 -12.02 22.24
CA VAL E 244 29.89 -11.91 21.62
C VAL E 244 30.99 -11.91 22.68
N LEU E 245 30.81 -11.08 23.72
CA LEU E 245 31.84 -11.05 24.76
C LEU E 245 32.06 -12.44 25.35
N VAL E 246 30.98 -13.12 25.75
CA VAL E 246 31.11 -14.40 26.42
C VAL E 246 31.79 -15.41 25.49
N CYS E 247 31.42 -15.41 24.21
CA CYS E 247 31.97 -16.39 23.29
C CYS E 247 33.46 -16.18 23.08
N PHE E 248 33.91 -14.92 22.97
CA PHE E 248 35.25 -14.68 22.44
C PHE E 248 36.30 -14.28 23.46
N ALA E 249 35.94 -13.82 24.66
CA ALA E 249 36.96 -13.27 25.56
C ALA E 249 38.01 -14.28 26.00
N PRO E 250 37.65 -15.49 26.47
CA PRO E 250 38.66 -16.35 27.13
C PRO E 250 39.80 -16.77 26.21
N TYR E 251 39.49 -17.21 24.99
CA TYR E 251 40.55 -17.66 24.09
C TYR E 251 41.54 -16.55 23.81
N HIS E 252 41.05 -15.33 23.62
CA HIS E 252 41.94 -14.24 23.29
C HIS E 252 42.78 -13.82 24.48
N VAL E 253 42.22 -13.85 25.70
CA VAL E 253 43.07 -13.53 26.85
C VAL E 253 44.16 -14.58 27.01
N LEU E 254 43.83 -15.86 26.82
CA LEU E 254 44.85 -16.89 26.91
C LEU E 254 45.92 -16.71 25.83
N LEU E 255 45.50 -16.39 24.60
CA LEU E 255 46.45 -16.18 23.51
C LEU E 255 47.39 -15.02 23.82
N LEU E 256 46.83 -13.90 24.32
CA LEU E 256 47.66 -12.76 24.66
C LEU E 256 48.67 -13.10 25.75
N SER E 257 48.22 -13.83 26.78
CA SER E 257 49.14 -14.22 27.84
C SER E 257 50.26 -15.11 27.32
N ARG E 258 49.93 -16.09 26.46
CA ARG E 258 50.96 -16.95 25.89
C ARG E 258 51.98 -16.13 25.10
N SER E 259 51.48 -15.23 24.25
CA SER E 259 52.39 -14.43 23.43
C SER E 259 53.29 -13.55 24.29
N ALA E 260 52.73 -12.91 25.32
CA ALA E 260 53.53 -12.06 26.18
C ALA E 260 54.61 -12.86 26.89
N ILE E 261 54.23 -14.03 27.44
CA ILE E 261 55.21 -14.85 28.14
C ILE E 261 56.30 -15.29 27.18
N TYR E 262 55.95 -15.61 25.93
CA TYR E 262 56.96 -16.00 24.97
C TYR E 262 57.94 -14.85 24.72
N LEU E 263 57.41 -13.66 24.42
CA LEU E 263 58.30 -12.51 24.24
C LEU E 263 59.18 -12.30 25.47
N GLY E 264 58.69 -12.64 26.65
CA GLY E 264 59.50 -12.51 27.85
C GLY E 264 60.73 -13.40 27.83
N ARG E 265 60.52 -14.71 27.88
CA ARG E 265 61.60 -15.69 27.90
C ARG E 265 61.39 -16.69 26.77
N PRO E 266 62.05 -16.51 25.62
CA PRO E 266 61.79 -17.42 24.49
C PRO E 266 62.04 -18.89 24.80
N TRP E 267 63.08 -19.18 25.57
CA TRP E 267 63.47 -20.57 25.80
C TRP E 267 62.59 -21.28 26.82
N ASP E 268 61.91 -20.55 27.70
CA ASP E 268 61.14 -21.16 28.77
C ASP E 268 59.82 -21.69 28.21
N CYS E 269 59.61 -23.00 28.28
CA CYS E 269 58.36 -23.63 27.90
C CYS E 269 57.55 -24.08 29.12
N GLY E 270 57.98 -23.72 30.33
CA GLY E 270 57.28 -24.19 31.51
C GLY E 270 55.81 -23.79 31.53
N PHE E 271 55.53 -22.53 31.24
CA PHE E 271 54.14 -22.06 31.25
C PHE E 271 53.32 -22.76 30.17
N GLU E 272 53.90 -22.95 28.98
CA GLU E 272 53.16 -23.61 27.91
C GLU E 272 52.73 -25.00 28.32
N GLU E 273 53.50 -25.66 29.18
CA GLU E 273 53.16 -27.01 29.62
C GLU E 273 51.96 -27.04 30.56
N ARG E 274 51.65 -25.93 31.22
CA ARG E 274 50.66 -25.92 32.28
C ARG E 274 49.25 -25.61 31.79
N VAL E 275 49.12 -24.86 30.69
CA VAL E 275 47.82 -24.38 30.24
C VAL E 275 47.43 -24.99 28.89
N PHE E 276 48.00 -26.15 28.53
CA PHE E 276 47.71 -26.74 27.23
C PHE E 276 46.23 -27.11 27.11
N SER E 277 45.71 -27.85 28.08
CA SER E 277 44.32 -28.28 28.02
C SER E 277 43.37 -27.09 28.09
N ALA E 278 43.67 -26.11 28.94
CA ALA E 278 42.84 -24.92 29.03
C ALA E 278 42.82 -24.18 27.70
N TYR E 279 43.99 -24.03 27.07
CA TYR E 279 44.06 -23.35 25.78
C TYR E 279 43.23 -24.07 24.73
N HIS E 280 43.35 -25.40 24.66
CA HIS E 280 42.61 -26.13 23.65
C HIS E 280 41.11 -26.07 23.90
N SER E 281 40.68 -26.19 25.16
CA SER E 281 39.26 -26.10 25.47
C SER E 281 38.71 -24.72 25.14
N SER E 282 39.45 -23.67 25.49
CA SER E 282 39.00 -22.32 25.20
C SER E 282 38.92 -22.09 23.68
N LEU E 283 39.90 -22.61 22.94
CA LEU E 283 39.84 -22.50 21.48
C LEU E 283 38.60 -23.19 20.93
N ALA E 284 38.29 -24.38 21.45
CA ALA E 284 37.10 -25.09 20.99
C ALA E 284 35.82 -24.33 21.35
N PHE E 285 35.84 -23.60 22.46
CA PHE E 285 34.64 -22.92 22.93
C PHE E 285 34.17 -21.80 22.00
N THR E 286 35.03 -21.34 21.09
CA THR E 286 34.71 -20.18 20.27
C THR E 286 33.80 -20.49 19.10
N SER E 287 33.38 -21.75 18.92
CA SER E 287 32.57 -22.12 17.78
C SER E 287 31.07 -21.98 18.02
N LEU E 288 30.65 -21.58 19.22
CA LEU E 288 29.23 -21.43 19.51
C LEU E 288 28.61 -20.23 18.81
N ASN E 289 29.44 -19.31 18.30
CA ASN E 289 28.90 -18.14 17.63
C ASN E 289 28.21 -18.51 16.32
N CYS E 290 28.71 -19.54 15.62
CA CYS E 290 28.07 -19.94 14.37
C CYS E 290 26.65 -20.45 14.59
N VAL E 291 26.30 -20.80 15.81
CA VAL E 291 24.94 -21.19 16.16
C VAL E 291 24.18 -20.04 16.80
N ALA E 292 24.87 -19.20 17.58
CA ALA E 292 24.22 -18.06 18.21
C ALA E 292 23.73 -17.05 17.18
N ASP E 293 24.56 -16.76 16.17
CA ASP E 293 24.22 -15.68 15.24
C ASP E 293 22.93 -15.94 14.49
N PRO E 294 22.70 -17.10 13.87
CA PRO E 294 21.42 -17.31 13.18
C PRO E 294 20.22 -17.06 14.06
N ILE E 295 20.22 -17.62 15.28
CA ILE E 295 19.09 -17.42 16.19
C ILE E 295 18.84 -15.93 16.40
N LEU E 296 19.82 -15.23 16.97
CA LEU E 296 19.60 -13.86 17.41
C LEU E 296 19.28 -12.93 16.24
N TYR E 297 19.88 -13.18 15.07
CA TYR E 297 19.74 -12.24 13.98
C TYR E 297 18.63 -12.59 12.98
N CYS E 298 18.04 -13.78 13.07
CA CYS E 298 16.91 -14.12 12.21
C CYS E 298 15.65 -14.49 13.00
N LEU E 299 15.74 -15.44 13.93
CA LEU E 299 14.55 -16.10 14.44
C LEU E 299 13.77 -15.24 15.44
N VAL E 300 14.46 -14.45 16.26
CA VAL E 300 13.77 -13.68 17.28
C VAL E 300 12.79 -12.71 16.64
N ASN E 301 13.17 -12.12 15.51
CA ASN E 301 12.27 -11.22 14.80
C ASN E 301 11.09 -12.00 14.22
N GLU E 302 9.89 -11.43 14.33
CA GLU E 302 8.71 -12.11 13.82
C GLU E 302 8.65 -12.07 12.30
N GLY E 303 8.98 -10.92 11.70
CA GLY E 303 8.93 -10.81 10.25
C GLY E 303 9.87 -11.78 9.57
N ALA E 304 11.07 -11.96 10.12
CA ALA E 304 12.00 -12.93 9.56
C ALA E 304 11.59 -14.35 9.89
N ARG E 305 10.84 -14.55 10.98
CA ARG E 305 10.34 -15.88 11.34
C ARG E 305 9.15 -16.28 10.49
N SER E 306 8.69 -15.44 9.57
CA SER E 306 7.56 -15.73 8.72
C SER E 306 7.93 -16.51 7.47
N ASP E 307 9.08 -17.20 7.48
CA ASP E 307 9.50 -18.02 6.36
C ASP E 307 8.90 -19.42 6.45
#